data_4UYG
#
_entry.id   4UYG
#
_cell.length_a   58.370
_cell.length_b   88.332
_cell.length_c   87.264
_cell.angle_alpha   90.00
_cell.angle_beta   94.74
_cell.angle_gamma   90.00
#
_symmetry.space_group_name_H-M   'P 1 21 1'
#
loop_
_entity.id
_entity.type
_entity.pdbx_description
1 polymer 'BROMODOMAIN-CONTAINING PROTEIN 2'
2 non-polymer '4-[(2S,4R)-1-acetyl-4-[(4-chlorophenyl)amino]-2-methyl-1,2,3,4-tetrahydroquinolin-6-yl]benzoic acid'
3 non-polymer 'SULFATE ION'
4 water water
#
_entity_poly.entity_id   1
_entity_poly.type   'polypeptide(L)'
_entity_poly.pdbx_seq_one_letter_code
;MGSSHHHHHHSSGLVPRGSHMHQSSKKGKLSEQLKHCNGILKELLSKKHAAYAWPFYKPVDASALGLHDYHDIIKHPMDL
STVKRKMENRDYRDAQEFAADVRLMFSNCYKYNPPDHDVVAMARKLQDVFEFRYAKMPDEPLEPGPLPVSTAMPPGL
;
_entity_poly.pdbx_strand_id   A,B,C,D,E,F
#
# COMPACT_ATOMS: atom_id res chain seq x y z
N SER A 31 25.16 -23.29 -27.78
CA SER A 31 23.77 -23.80 -27.64
C SER A 31 23.69 -25.17 -26.95
N GLU A 32 24.83 -25.76 -26.61
N GLU A 32 24.83 -25.75 -26.59
CA GLU A 32 24.88 -27.03 -25.89
CA GLU A 32 24.86 -27.04 -25.90
C GLU A 32 24.18 -26.87 -24.53
C GLU A 32 24.23 -26.90 -24.51
N GLN A 33 24.47 -25.77 -23.86
CA GLN A 33 23.77 -25.42 -22.61
C GLN A 33 22.27 -25.22 -22.85
N LEU A 34 21.93 -24.66 -24.00
CA LEU A 34 20.54 -24.43 -24.35
C LEU A 34 19.81 -25.71 -24.73
N LYS A 35 20.53 -26.68 -25.29
CA LYS A 35 19.94 -28.01 -25.56
C LYS A 35 19.53 -28.68 -24.25
N HIS A 36 20.35 -28.49 -23.22
CA HIS A 36 20.06 -29.02 -21.91
C HIS A 36 18.95 -28.27 -21.26
N CYS A 37 18.81 -26.99 -21.58
CA CYS A 37 17.66 -26.19 -21.13
C CYS A 37 16.39 -26.67 -21.81
N ASN A 38 16.49 -27.05 -23.08
CA ASN A 38 15.34 -27.56 -23.79
C ASN A 38 14.86 -28.87 -23.19
N GLY A 39 15.82 -29.71 -22.80
CA GLY A 39 15.50 -30.94 -22.05
C GLY A 39 14.77 -30.63 -20.75
N ILE A 40 15.30 -29.71 -19.97
CA ILE A 40 14.63 -29.29 -18.74
C ILE A 40 13.19 -28.81 -18.98
N LEU A 41 13.00 -28.01 -20.03
CA LEU A 41 11.67 -27.53 -20.37
C LEU A 41 10.74 -28.72 -20.68
N LYS A 42 11.20 -29.68 -21.49
CA LYS A 42 10.44 -30.89 -21.79
C LYS A 42 9.99 -31.59 -20.52
N GLU A 43 10.88 -31.73 -19.57
CA GLU A 43 10.50 -32.38 -18.33
C GLU A 43 9.43 -31.58 -17.61
N LEU A 44 9.63 -30.28 -17.46
CA LEU A 44 8.63 -29.49 -16.80
C LEU A 44 7.26 -29.68 -17.43
N LEU A 45 7.21 -29.87 -18.76
CA LEU A 45 5.92 -30.02 -19.49
C LEU A 45 5.41 -31.46 -19.61
N SER A 46 6.17 -32.44 -19.12
CA SER A 46 5.77 -33.83 -19.20
C SER A 46 4.72 -34.20 -18.14
N LYS A 47 4.00 -35.29 -18.41
CA LYS A 47 2.89 -35.72 -17.57
C LYS A 47 3.30 -36.04 -16.14
N LYS A 48 4.50 -36.59 -15.98
CA LYS A 48 5.11 -36.80 -14.67
C LYS A 48 4.83 -35.64 -13.66
N HIS A 49 4.99 -34.40 -14.12
CA HIS A 49 4.82 -33.22 -13.24
C HIS A 49 3.48 -32.51 -13.43
N ALA A 50 2.58 -33.15 -14.17
CA ALA A 50 1.32 -32.52 -14.53
C ALA A 50 0.53 -32.13 -13.30
N ALA A 51 0.53 -32.98 -12.28
CA ALA A 51 -0.17 -32.70 -11.03
C ALA A 51 0.06 -31.29 -10.47
N TYR A 52 1.26 -30.76 -10.62
CA TYR A 52 1.55 -29.43 -10.08
C TYR A 52 1.99 -28.42 -11.13
N ALA A 53 2.19 -28.85 -12.37
CA ALA A 53 2.69 -27.93 -13.40
C ALA A 53 1.56 -27.22 -14.14
N TRP A 54 0.35 -27.76 -14.08
CA TRP A 54 -0.69 -27.28 -15.00
C TRP A 54 -1.02 -25.80 -14.90
N PRO A 55 -0.92 -25.22 -13.70
CA PRO A 55 -1.27 -23.81 -13.67
C PRO A 55 -0.36 -22.93 -14.52
N PHE A 56 0.80 -23.46 -14.89
CA PHE A 56 1.84 -22.71 -15.55
C PHE A 56 1.98 -22.98 -17.06
N TYR A 57 1.10 -23.79 -17.61
CA TYR A 57 1.17 -24.13 -19.04
C TYR A 57 0.90 -22.89 -19.87
N LYS A 58 0.00 -22.03 -19.39
CA LYS A 58 -0.46 -20.93 -20.19
C LYS A 58 -0.50 -19.63 -19.40
N PRO A 59 -0.55 -18.51 -20.11
CA PRO A 59 -0.63 -17.25 -19.42
C PRO A 59 -1.79 -17.24 -18.43
N VAL A 60 -1.61 -16.57 -17.30
CA VAL A 60 -2.73 -16.35 -16.40
C VAL A 60 -3.81 -15.61 -17.18
N ASP A 61 -5.03 -16.14 -17.22
CA ASP A 61 -6.15 -15.45 -17.87
C ASP A 61 -6.94 -14.79 -16.75
N ALA A 62 -6.68 -13.50 -16.56
CA ALA A 62 -7.20 -12.77 -15.41
C ALA A 62 -8.73 -12.58 -15.47
N SER A 63 -9.27 -12.41 -16.66
CA SER A 63 -10.72 -12.27 -16.82
C SER A 63 -11.39 -13.59 -16.53
N ALA A 64 -10.94 -14.66 -17.16
CA ALA A 64 -11.54 -15.97 -16.93
C ALA A 64 -11.48 -16.40 -15.45
N LEU A 65 -10.41 -16.04 -14.75
CA LEU A 65 -10.29 -16.41 -13.34
C LEU A 65 -10.94 -15.39 -12.41
N GLY A 66 -11.37 -14.26 -12.96
CA GLY A 66 -12.01 -13.20 -12.19
C GLY A 66 -11.03 -12.36 -11.38
N LEU A 67 -9.80 -12.18 -11.87
CA LEU A 67 -8.74 -11.53 -11.10
C LEU A 67 -8.49 -10.13 -11.60
N HIS A 68 -9.13 -9.17 -10.93
CA HIS A 68 -9.16 -7.78 -11.42
C HIS A 68 -7.84 -7.07 -11.25
N ASP A 69 -7.04 -7.47 -10.27
CA ASP A 69 -5.80 -6.74 -9.94
C ASP A 69 -4.49 -7.40 -10.42
N TYR A 70 -4.59 -8.51 -11.15
CA TYR A 70 -3.41 -9.31 -11.48
C TYR A 70 -2.38 -8.53 -12.27
N HIS A 71 -2.83 -7.91 -13.35
CA HIS A 71 -1.94 -7.20 -14.26
C HIS A 71 -1.41 -5.91 -13.71
N ASP A 72 -1.96 -5.48 -12.58
CA ASP A 72 -1.42 -4.33 -11.85
C ASP A 72 -0.28 -4.82 -10.97
N ILE A 73 -0.51 -5.93 -10.26
CA ILE A 73 0.49 -6.47 -9.35
C ILE A 73 1.64 -7.13 -10.10
N ILE A 74 1.35 -7.75 -11.25
CA ILE A 74 2.36 -8.45 -12.04
C ILE A 74 2.59 -7.72 -13.35
N LYS A 75 3.80 -7.20 -13.53
CA LYS A 75 4.10 -6.39 -14.69
C LYS A 75 4.73 -7.18 -15.83
N HIS A 76 5.31 -8.34 -15.52
CA HIS A 76 5.99 -9.18 -16.51
C HIS A 76 5.55 -10.61 -16.42
N PRO A 77 4.35 -10.91 -16.97
CA PRO A 77 3.78 -12.25 -16.89
C PRO A 77 4.64 -13.24 -17.62
N MET A 78 4.71 -14.46 -17.12
CA MET A 78 5.47 -15.51 -17.81
C MET A 78 4.78 -16.85 -17.63
N ASP A 79 4.97 -17.72 -18.60
CA ASP A 79 4.36 -19.04 -18.59
C ASP A 79 5.18 -19.98 -19.45
N LEU A 80 4.92 -21.28 -19.26
CA LEU A 80 5.71 -22.32 -19.91
C LEU A 80 5.56 -22.34 -21.44
N SER A 81 4.41 -21.92 -21.94
CA SER A 81 4.19 -21.83 -23.37
C SER A 81 5.05 -20.74 -23.97
N THR A 82 5.19 -19.63 -23.26
CA THR A 82 6.00 -18.54 -23.80
C THR A 82 7.44 -18.99 -23.85
N VAL A 83 7.92 -19.58 -22.77
CA VAL A 83 9.26 -20.13 -22.70
C VAL A 83 9.50 -21.13 -23.84
N LYS A 84 8.56 -22.04 -24.07
CA LYS A 84 8.69 -23.02 -25.14
C LYS A 84 8.83 -22.37 -26.51
N ARG A 85 7.98 -21.38 -26.76
CA ARG A 85 8.00 -20.60 -28.00
C ARG A 85 9.36 -19.93 -28.18
N LYS A 86 9.86 -19.29 -27.13
CA LYS A 86 11.15 -18.58 -27.21
C LYS A 86 12.32 -19.55 -27.47
N MET A 87 12.24 -20.75 -26.90
CA MET A 87 13.23 -21.76 -27.18
C MET A 87 13.13 -22.20 -28.61
N GLU A 88 11.91 -22.41 -29.10
CA GLU A 88 11.73 -22.87 -30.46
C GLU A 88 12.17 -21.84 -31.46
N ASN A 89 11.82 -20.58 -31.22
CA ASN A 89 12.29 -19.52 -32.10
C ASN A 89 13.76 -19.12 -31.86
N ARG A 90 14.42 -19.81 -30.94
CA ARG A 90 15.80 -19.52 -30.59
C ARG A 90 15.97 -18.06 -30.21
N ASP A 91 15.15 -17.59 -29.26
CA ASP A 91 15.22 -16.21 -28.76
C ASP A 91 16.04 -16.10 -27.48
N TYR A 92 16.49 -17.23 -26.91
CA TYR A 92 17.38 -17.21 -25.74
C TYR A 92 18.82 -17.12 -26.17
N ARG A 93 19.57 -16.19 -25.59
CA ARG A 93 21.00 -16.05 -25.89
C ARG A 93 21.79 -17.10 -25.15
N ASP A 94 21.31 -17.49 -23.97
CA ASP A 94 22.04 -18.41 -23.12
C ASP A 94 21.13 -19.05 -22.05
N ALA A 95 21.72 -19.95 -21.26
CA ALA A 95 21.03 -20.67 -20.22
C ALA A 95 20.43 -19.71 -19.20
N GLN A 96 21.16 -18.67 -18.85
CA GLN A 96 20.72 -17.82 -17.77
C GLN A 96 19.56 -16.93 -18.18
N GLU A 97 19.41 -16.66 -19.48
CA GLU A 97 18.21 -15.97 -19.97
C GLU A 97 16.97 -16.85 -19.80
N PHE A 98 17.12 -18.11 -20.17
CA PHE A 98 16.10 -19.12 -19.96
C PHE A 98 15.75 -19.21 -18.47
N ALA A 99 16.77 -19.23 -17.61
CA ALA A 99 16.52 -19.39 -16.16
C ALA A 99 15.78 -18.21 -15.60
N ALA A 100 16.15 -17.02 -16.04
CA ALA A 100 15.48 -15.82 -15.59
C ALA A 100 13.97 -15.89 -15.91
N ASP A 101 13.62 -16.32 -17.12
CA ASP A 101 12.22 -16.47 -17.51
C ASP A 101 11.50 -17.50 -16.65
N VAL A 102 12.11 -18.67 -16.45
CA VAL A 102 11.48 -19.67 -15.61
C VAL A 102 11.29 -19.17 -14.19
N ARG A 103 12.28 -18.48 -13.66
CA ARG A 103 12.18 -17.95 -12.30
C ARG A 103 11.21 -16.80 -12.21
N LEU A 104 11.16 -15.96 -13.23
CA LEU A 104 10.15 -14.88 -13.28
C LEU A 104 8.75 -15.46 -13.08
N MET A 105 8.48 -16.54 -13.80
CA MET A 105 7.19 -17.21 -13.74
C MET A 105 6.88 -17.65 -12.31
N PHE A 106 7.86 -18.23 -11.64
CA PHE A 106 7.62 -18.68 -10.28
C PHE A 106 7.45 -17.46 -9.37
N SER A 107 8.28 -16.44 -9.56
CA SER A 107 8.18 -15.23 -8.73
C SER A 107 6.86 -14.54 -8.88
N ASN A 108 6.34 -14.43 -10.10
CA ASN A 108 5.05 -13.76 -10.28
C ASN A 108 4.04 -14.46 -9.40
N CYS A 109 4.09 -15.79 -9.40
CA CYS A 109 3.18 -16.63 -8.65
C CYS A 109 3.34 -16.43 -7.17
N TYR A 110 4.57 -16.31 -6.69
CA TYR A 110 4.80 -16.05 -5.27
C TYR A 110 4.38 -14.64 -4.90
N LYS A 111 4.63 -13.69 -5.79
CA LYS A 111 4.25 -12.30 -5.55
C LYS A 111 2.76 -12.18 -5.42
N TYR A 112 2.03 -12.67 -6.42
CA TYR A 112 0.59 -12.41 -6.48
C TYR A 112 -0.22 -13.15 -5.43
N ASN A 113 0.11 -14.41 -5.16
CA ASN A 113 -0.74 -15.27 -4.35
C ASN A 113 -0.30 -15.38 -2.87
N PRO A 114 -1.23 -15.72 -1.97
CA PRO A 114 -0.88 -15.94 -0.56
C PRO A 114 -0.04 -17.20 -0.34
N PRO A 115 0.72 -17.24 0.77
CA PRO A 115 1.64 -18.34 1.06
C PRO A 115 0.94 -19.70 1.23
N ASP A 116 -0.32 -19.65 1.65
CA ASP A 116 -1.10 -20.85 1.91
C ASP A 116 -1.90 -21.30 0.68
N HIS A 117 -1.75 -20.60 -0.44
CA HIS A 117 -2.51 -20.94 -1.64
C HIS A 117 -1.95 -22.18 -2.28
N ASP A 118 -2.83 -23.06 -2.74
CA ASP A 118 -2.39 -24.31 -3.36
C ASP A 118 -1.37 -24.06 -4.48
N VAL A 119 -1.54 -22.97 -5.22
CA VAL A 119 -0.74 -22.73 -6.42
C VAL A 119 0.71 -22.43 -6.02
N VAL A 120 0.89 -21.92 -4.80
CA VAL A 120 2.22 -21.65 -4.29
C VAL A 120 2.92 -22.98 -3.95
N ALA A 121 2.19 -23.90 -3.36
CA ALA A 121 2.71 -25.23 -3.09
C ALA A 121 3.13 -25.89 -4.40
N MET A 122 2.29 -25.72 -5.42
CA MET A 122 2.52 -26.28 -6.76
C MET A 122 3.75 -25.66 -7.44
N ALA A 123 3.91 -24.35 -7.34
CA ALA A 123 5.06 -23.69 -7.94
C ALA A 123 6.34 -24.18 -7.30
N ARG A 124 6.34 -24.33 -5.98
CA ARG A 124 7.50 -24.80 -5.26
C ARG A 124 7.88 -26.21 -5.70
N LYS A 125 6.90 -27.09 -5.90
CA LYS A 125 7.21 -28.43 -6.38
C LYS A 125 7.90 -28.37 -7.75
N LEU A 126 7.40 -27.51 -8.63
CA LEU A 126 7.89 -27.45 -9.99
C LEU A 126 9.26 -26.81 -9.99
N GLN A 127 9.43 -25.78 -9.17
CA GLN A 127 10.70 -25.08 -9.10
C GLN A 127 11.78 -26.03 -8.53
N ASP A 128 11.42 -26.90 -7.61
CA ASP A 128 12.34 -27.93 -7.13
C ASP A 128 12.89 -28.74 -8.30
N VAL A 129 12.01 -29.20 -9.18
CA VAL A 129 12.44 -29.88 -10.40
C VAL A 129 13.31 -28.97 -11.22
N PHE A 130 12.89 -27.72 -11.38
CA PHE A 130 13.63 -26.84 -12.26
C PHE A 130 15.05 -26.58 -11.75
N GLU A 131 15.16 -26.23 -10.48
CA GLU A 131 16.43 -25.80 -9.91
C GLU A 131 17.44 -26.94 -9.81
N PHE A 132 16.92 -28.14 -9.52
CA PHE A 132 17.78 -29.32 -9.38
C PHE A 132 18.38 -29.70 -10.72
N ARG A 133 17.52 -29.77 -11.73
CA ARG A 133 17.98 -30.05 -13.09
C ARG A 133 18.90 -28.97 -13.59
N TYR A 134 18.53 -27.72 -13.36
CA TYR A 134 19.32 -26.61 -13.81
C TYR A 134 20.72 -26.64 -13.18
N ALA A 135 20.77 -27.01 -11.91
CA ALA A 135 22.00 -27.14 -11.16
C ALA A 135 22.89 -28.23 -11.71
N LYS A 136 22.28 -29.27 -12.31
CA LYS A 136 23.01 -30.43 -12.84
C LYS A 136 23.45 -30.26 -14.29
N MET A 137 23.34 -29.05 -14.84
CA MET A 137 23.79 -28.86 -16.21
C MET A 137 25.30 -28.87 -16.22
N PRO A 138 25.91 -29.38 -17.31
CA PRO A 138 27.35 -29.23 -17.55
C PRO A 138 27.78 -27.82 -17.95
N ASP A 139 29.07 -27.66 -18.24
CA ASP A 139 29.64 -26.38 -18.67
C ASP A 139 30.42 -26.58 -19.96
N SER B 31 19.84 1.89 1.93
CA SER B 31 20.00 1.51 0.50
C SER B 31 18.75 0.82 -0.13
N GLU B 32 17.59 1.06 0.50
N GLU B 32 17.58 1.07 0.47
CA GLU B 32 16.26 0.61 0.07
CA GLU B 32 16.26 0.72 -0.09
C GLU B 32 16.09 -0.84 -0.38
C GLU B 32 16.07 -0.77 -0.41
N GLN B 33 16.51 -1.16 -1.59
CA GLN B 33 16.36 -2.52 -2.13
C GLN B 33 17.15 -3.49 -1.22
N LEU B 34 18.37 -3.09 -0.89
CA LEU B 34 19.27 -3.91 -0.12
C LEU B 34 18.88 -3.99 1.37
N LYS B 35 18.11 -3.02 1.86
CA LYS B 35 17.64 -3.06 3.25
C LYS B 35 16.67 -4.22 3.39
N HIS B 36 15.79 -4.35 2.40
CA HIS B 36 14.90 -5.49 2.33
C HIS B 36 15.64 -6.78 2.08
N CYS B 37 16.69 -6.76 1.28
CA CYS B 37 17.53 -7.95 1.09
C CYS B 37 18.21 -8.33 2.39
N ASN B 38 18.72 -7.32 3.08
CA ASN B 38 19.40 -7.56 4.35
C ASN B 38 18.41 -8.15 5.36
N GLY B 39 17.12 -7.79 5.22
CA GLY B 39 16.06 -8.31 6.08
C GLY B 39 15.78 -9.77 5.81
N ILE B 40 15.69 -10.10 4.53
CA ILE B 40 15.54 -11.47 4.08
C ILE B 40 16.70 -12.31 4.64
N LEU B 41 17.91 -11.76 4.57
CA LEU B 41 19.09 -12.46 5.12
C LEU B 41 18.95 -12.74 6.62
N LYS B 42 18.48 -11.75 7.38
CA LYS B 42 18.28 -11.95 8.81
C LYS B 42 17.32 -13.12 9.04
N GLU B 43 16.23 -13.15 8.29
CA GLU B 43 15.26 -14.23 8.48
C GLU B 43 15.88 -15.60 8.15
N LEU B 44 16.55 -15.69 7.01
CA LEU B 44 17.21 -16.94 6.62
C LEU B 44 18.16 -17.42 7.72
N LEU B 45 18.71 -16.47 8.47
CA LEU B 45 19.66 -16.74 9.55
C LEU B 45 19.04 -16.94 10.94
N SER B 46 17.72 -16.84 11.06
CA SER B 46 17.08 -16.84 12.37
C SER B 46 16.66 -18.24 12.79
N LYS B 47 16.31 -18.37 14.07
CA LYS B 47 16.04 -19.67 14.66
C LYS B 47 14.78 -20.28 14.09
N LYS B 48 13.87 -19.41 13.67
CA LYS B 48 12.69 -19.75 12.88
C LYS B 48 12.99 -20.84 11.83
N HIS B 49 14.10 -20.69 11.11
CA HIS B 49 14.43 -21.61 10.02
C HIS B 49 15.64 -22.47 10.25
N ALA B 50 16.05 -22.61 11.50
CA ALA B 50 17.34 -23.25 11.78
C ALA B 50 17.35 -24.72 11.39
N ALA B 51 16.20 -25.37 11.44
CA ALA B 51 16.07 -26.82 11.11
C ALA B 51 16.66 -27.20 9.75
N TYR B 52 16.49 -26.32 8.77
CA TYR B 52 16.99 -26.58 7.40
C TYR B 52 18.03 -25.56 6.93
N ALA B 53 18.26 -24.50 7.70
CA ALA B 53 19.27 -23.52 7.35
C ALA B 53 20.71 -23.94 7.80
N TRP B 54 20.85 -24.77 8.83
CA TRP B 54 22.14 -24.84 9.49
C TRP B 54 23.31 -25.25 8.59
N PRO B 55 23.07 -26.13 7.60
CA PRO B 55 24.18 -26.49 6.71
C PRO B 55 24.76 -25.33 5.92
N PHE B 56 23.96 -24.27 5.81
CA PHE B 56 24.30 -23.14 4.96
C PHE B 56 24.90 -21.97 5.75
N TYR B 57 25.05 -22.13 7.06
CA TYR B 57 25.55 -21.06 7.93
C TYR B 57 27.01 -20.69 7.63
N LYS B 58 27.86 -21.70 7.40
CA LYS B 58 29.29 -21.47 7.13
C LYS B 58 29.64 -22.07 5.79
N PRO B 59 30.84 -21.79 5.27
CA PRO B 59 31.21 -22.45 4.04
C PRO B 59 31.31 -23.98 4.21
N VAL B 60 31.17 -24.73 3.14
CA VAL B 60 31.39 -26.16 3.22
C VAL B 60 32.86 -26.38 3.49
N ASP B 61 33.16 -27.07 4.58
CA ASP B 61 34.52 -27.50 4.86
C ASP B 61 34.58 -28.95 4.43
N ALA B 62 35.00 -29.13 3.17
CA ALA B 62 35.15 -30.43 2.53
C ALA B 62 36.08 -31.38 3.29
N SER B 63 37.21 -30.86 3.73
CA SER B 63 38.18 -31.68 4.47
C SER B 63 37.53 -32.24 5.74
N ALA B 64 36.89 -31.37 6.51
CA ALA B 64 36.21 -31.78 7.75
C ALA B 64 35.08 -32.78 7.49
N LEU B 65 34.39 -32.67 6.37
CA LEU B 65 33.29 -33.59 6.04
C LEU B 65 33.75 -34.87 5.33
N GLY B 66 35.05 -34.98 5.05
CA GLY B 66 35.59 -36.11 4.30
C GLY B 66 35.22 -36.13 2.81
N LEU B 67 34.82 -34.98 2.27
CA LEU B 67 34.33 -34.90 0.90
C LEU B 67 35.46 -34.35 0.02
N HIS B 68 36.33 -35.24 -0.41
CA HIS B 68 37.56 -34.85 -1.09
C HIS B 68 37.37 -34.21 -2.44
N ASP B 69 36.23 -34.48 -3.08
CA ASP B 69 35.95 -33.95 -4.43
C ASP B 69 35.16 -32.63 -4.46
N TYR B 70 34.73 -32.11 -3.32
CA TYR B 70 33.79 -31.00 -3.29
C TYR B 70 34.21 -29.85 -4.19
N HIS B 71 35.45 -29.42 -4.06
CA HIS B 71 35.98 -28.29 -4.83
C HIS B 71 36.38 -28.62 -6.25
N ASP B 72 36.36 -29.90 -6.62
CA ASP B 72 36.56 -30.30 -8.01
C ASP B 72 35.25 -30.13 -8.79
N ILE B 73 34.14 -30.20 -8.05
CA ILE B 73 32.81 -30.13 -8.63
C ILE B 73 32.16 -28.76 -8.43
N ILE B 74 32.35 -28.16 -7.26
CA ILE B 74 31.83 -26.81 -7.00
C ILE B 74 32.96 -25.81 -7.20
N LYS B 75 32.77 -24.92 -8.17
CA LYS B 75 33.84 -24.02 -8.59
C LYS B 75 33.73 -22.69 -7.86
N HIS B 76 32.52 -22.29 -7.49
CA HIS B 76 32.26 -21.02 -6.82
C HIS B 76 31.43 -21.22 -5.57
N PRO B 77 32.10 -21.55 -4.46
CA PRO B 77 31.41 -21.78 -3.20
C PRO B 77 30.68 -20.56 -2.65
N MET B 78 29.66 -20.79 -1.84
CA MET B 78 28.88 -19.71 -1.28
C MET B 78 28.08 -20.22 -0.09
N ASP B 79 27.83 -19.35 0.87
CA ASP B 79 27.05 -19.71 2.03
C ASP B 79 26.59 -18.43 2.71
N LEU B 80 25.70 -18.58 3.69
CA LEU B 80 25.04 -17.42 4.31
C LEU B 80 25.98 -16.49 5.09
N SER B 81 27.07 -17.01 5.64
CA SER B 81 28.01 -16.14 6.34
C SER B 81 28.77 -15.26 5.34
N THR B 82 29.05 -15.80 4.16
CA THR B 82 29.71 -15.01 3.13
C THR B 82 28.77 -13.96 2.57
N VAL B 83 27.49 -14.28 2.43
CA VAL B 83 26.52 -13.29 1.94
C VAL B 83 26.43 -12.15 2.95
N LYS B 84 26.47 -12.50 4.23
CA LYS B 84 26.37 -11.50 5.29
C LYS B 84 27.58 -10.58 5.29
N ARG B 85 28.77 -11.15 5.11
CA ARG B 85 29.99 -10.35 5.02
C ARG B 85 29.95 -9.41 3.82
N LYS B 86 29.45 -9.87 2.68
CA LYS B 86 29.43 -9.05 1.50
C LYS B 86 28.46 -7.89 1.67
N MET B 87 27.34 -8.18 2.32
CA MET B 87 26.32 -7.17 2.58
C MET B 87 26.91 -6.12 3.50
N GLU B 88 27.54 -6.57 4.57
CA GLU B 88 28.20 -5.66 5.50
C GLU B 88 29.30 -4.82 4.83
N ASN B 89 30.11 -5.43 3.99
CA ASN B 89 31.10 -4.70 3.19
C ASN B 89 30.53 -3.89 2.02
N ARG B 90 29.20 -3.82 1.92
CA ARG B 90 28.53 -3.07 0.85
C ARG B 90 29.01 -3.48 -0.54
N ASP B 91 29.19 -4.79 -0.74
CA ASP B 91 29.66 -5.33 -2.02
C ASP B 91 28.54 -5.58 -3.01
N TYR B 92 27.29 -5.54 -2.54
CA TYR B 92 26.14 -5.81 -3.41
C TYR B 92 25.61 -4.51 -3.99
N ARG B 93 25.69 -4.38 -5.31
CA ARG B 93 25.27 -3.17 -5.99
C ARG B 93 23.74 -3.07 -5.99
N ASP B 94 23.07 -4.20 -6.18
CA ASP B 94 21.60 -4.25 -6.17
C ASP B 94 21.09 -5.62 -5.69
N ALA B 95 19.77 -5.76 -5.61
CA ALA B 95 19.14 -6.96 -5.10
C ALA B 95 19.39 -8.18 -5.98
N GLN B 96 19.41 -7.97 -7.30
CA GLN B 96 19.71 -9.05 -8.24
C GLN B 96 21.01 -9.73 -7.86
N GLU B 97 22.03 -8.95 -7.57
CA GLU B 97 23.35 -9.49 -7.23
C GLU B 97 23.28 -10.29 -5.94
N PHE B 98 22.50 -9.79 -4.98
CA PHE B 98 22.24 -10.48 -3.71
C PHE B 98 21.58 -11.82 -3.99
N ALA B 99 20.45 -11.77 -4.70
CA ALA B 99 19.75 -12.97 -5.16
C ALA B 99 20.67 -13.96 -5.88
N ALA B 100 21.54 -13.48 -6.74
CA ALA B 100 22.39 -14.39 -7.51
C ALA B 100 23.27 -15.23 -6.60
N ASP B 101 23.85 -14.62 -5.57
CA ASP B 101 24.69 -15.38 -4.63
C ASP B 101 23.85 -16.40 -3.86
N VAL B 102 22.70 -15.96 -3.34
CA VAL B 102 21.83 -16.85 -2.58
C VAL B 102 21.45 -18.06 -3.42
N ARG B 103 21.18 -17.86 -4.70
CA ARG B 103 20.81 -18.98 -5.57
C ARG B 103 21.99 -19.86 -5.95
N LEU B 104 23.16 -19.24 -6.03
CA LEU B 104 24.39 -19.99 -6.27
C LEU B 104 24.61 -21.00 -5.14
N MET B 105 24.44 -20.52 -3.91
CA MET B 105 24.54 -21.38 -2.74
C MET B 105 23.60 -22.57 -2.88
N PHE B 106 22.35 -22.29 -3.23
CA PHE B 106 21.39 -23.39 -3.38
C PHE B 106 21.74 -24.28 -4.57
N SER B 107 22.16 -23.69 -5.70
CA SER B 107 22.56 -24.50 -6.86
C SER B 107 23.76 -25.36 -6.55
N ASN B 108 24.70 -24.84 -5.77
CA ASN B 108 25.87 -25.65 -5.41
C ASN B 108 25.43 -26.92 -4.71
N CYS B 109 24.53 -26.76 -3.74
CA CYS B 109 23.98 -27.88 -2.98
C CYS B 109 23.30 -28.91 -3.91
N TYR B 110 22.51 -28.42 -4.85
CA TYR B 110 21.78 -29.29 -5.75
C TYR B 110 22.75 -29.94 -6.73
N LYS B 111 23.74 -29.17 -7.18
CA LYS B 111 24.73 -29.70 -8.09
C LYS B 111 25.47 -30.84 -7.43
N TYR B 112 25.98 -30.62 -6.22
CA TYR B 112 26.91 -31.57 -5.61
C TYR B 112 26.23 -32.81 -5.06
N ASN B 113 25.06 -32.66 -4.49
CA ASN B 113 24.43 -33.75 -3.75
C ASN B 113 23.37 -34.51 -4.55
N PRO B 114 23.12 -35.77 -4.15
CA PRO B 114 22.05 -36.55 -4.75
C PRO B 114 20.71 -35.99 -4.37
N PRO B 115 19.67 -36.26 -5.18
CA PRO B 115 18.35 -35.72 -4.88
C PRO B 115 17.70 -36.31 -3.64
N ASP B 116 18.18 -37.47 -3.18
CA ASP B 116 17.58 -38.11 -2.01
C ASP B 116 18.32 -37.71 -0.75
N HIS B 117 19.20 -36.74 -0.83
CA HIS B 117 20.00 -36.35 0.34
C HIS B 117 19.24 -35.38 1.19
N ASP B 118 19.34 -35.52 2.51
CA ASP B 118 18.58 -34.65 3.42
C ASP B 118 18.89 -33.19 3.17
N VAL B 119 20.13 -32.88 2.84
CA VAL B 119 20.55 -31.51 2.59
C VAL B 119 19.89 -30.89 1.36
N VAL B 120 19.44 -31.70 0.41
CA VAL B 120 18.73 -31.16 -0.76
C VAL B 120 17.31 -30.77 -0.35
N ALA B 121 16.67 -31.62 0.46
CA ALA B 121 15.38 -31.28 1.10
C ALA B 121 15.50 -30.01 1.96
N MET B 122 16.59 -29.90 2.69
CA MET B 122 16.80 -28.70 3.53
C MET B 122 17.01 -27.44 2.73
N ALA B 123 17.87 -27.52 1.72
CA ALA B 123 18.06 -26.43 0.76
C ALA B 123 16.71 -25.98 0.20
N ARG B 124 15.88 -26.93 -0.21
CA ARG B 124 14.60 -26.60 -0.82
C ARG B 124 13.68 -25.87 0.11
N LYS B 125 13.66 -26.25 1.39
CA LYS B 125 12.82 -25.52 2.35
C LYS B 125 13.36 -24.12 2.58
N LEU B 126 14.67 -23.94 2.62
CA LEU B 126 15.22 -22.60 2.82
C LEU B 126 14.96 -21.76 1.61
N GLN B 127 15.13 -22.35 0.43
CA GLN B 127 14.88 -21.60 -0.80
C GLN B 127 13.45 -21.17 -0.94
N ASP B 128 12.51 -22.01 -0.51
CA ASP B 128 11.12 -21.59 -0.52
C ASP B 128 10.96 -20.29 0.27
N VAL B 129 11.61 -20.21 1.44
CA VAL B 129 11.50 -19.01 2.24
C VAL B 129 12.08 -17.84 1.45
N PHE B 130 13.30 -18.04 0.97
CA PHE B 130 13.97 -17.03 0.19
C PHE B 130 13.16 -16.50 -1.01
N GLU B 131 12.75 -17.40 -1.91
CA GLU B 131 12.13 -16.96 -3.16
C GLU B 131 10.82 -16.22 -2.92
N PHE B 132 10.09 -16.64 -1.88
CA PHE B 132 8.80 -16.07 -1.56
C PHE B 132 8.99 -14.65 -1.01
N ARG B 133 9.95 -14.52 -0.12
CA ARG B 133 10.22 -13.25 0.49
C ARG B 133 10.75 -12.27 -0.58
N TYR B 134 11.66 -12.75 -1.43
CA TYR B 134 12.24 -11.95 -2.51
C TYR B 134 11.16 -11.57 -3.53
N ALA B 135 10.30 -12.51 -3.88
CA ALA B 135 9.16 -12.19 -4.72
C ALA B 135 8.27 -11.06 -4.16
N LYS B 136 8.04 -11.04 -2.85
CA LYS B 136 7.15 -10.04 -2.24
C LYS B 136 7.87 -8.71 -2.06
N MET B 137 9.13 -8.63 -2.43
CA MET B 137 9.83 -7.37 -2.37
C MET B 137 9.13 -6.37 -3.27
N PRO B 138 8.99 -5.13 -2.79
CA PRO B 138 8.40 -4.10 -3.64
C PRO B 138 9.31 -3.81 -4.84
N ASP B 139 8.68 -3.52 -5.99
CA ASP B 139 9.41 -3.08 -7.17
C ASP B 139 8.65 -1.94 -7.86
N GLY C 28 13.56 2.25 -33.77
CA GLY C 28 12.15 2.61 -34.10
C GLY C 28 11.87 4.09 -33.95
N LYS C 29 11.18 4.67 -34.92
CA LYS C 29 10.72 6.05 -34.84
C LYS C 29 9.45 6.13 -34.00
N LEU C 30 9.22 7.25 -33.31
CA LEU C 30 7.97 7.44 -32.56
C LEU C 30 6.81 7.68 -33.52
N SER C 31 5.61 7.24 -33.11
CA SER C 31 4.39 7.58 -33.83
C SER C 31 4.15 9.06 -33.69
N GLU C 32 3.32 9.62 -34.55
CA GLU C 32 3.02 11.05 -34.50
C GLU C 32 2.51 11.47 -33.11
N GLN C 33 1.62 10.64 -32.55
CA GLN C 33 1.06 10.90 -31.23
C GLN C 33 2.15 10.88 -30.15
N LEU C 34 3.04 9.92 -30.22
CA LEU C 34 4.09 9.87 -29.23
C LEU C 34 5.12 10.99 -29.44
N LYS C 35 5.26 11.52 -30.65
CA LYS C 35 6.15 12.67 -30.87
C LYS C 35 5.61 13.90 -30.17
N HIS C 36 4.28 14.04 -30.13
CA HIS C 36 3.69 15.16 -29.37
C HIS C 36 3.87 15.01 -27.87
N CYS C 37 3.68 13.80 -27.36
CA CYS C 37 3.94 13.51 -25.95
C CYS C 37 5.39 13.80 -25.58
N ASN C 38 6.29 13.37 -26.45
CA ASN C 38 7.71 13.64 -26.22
C ASN C 38 7.95 15.13 -26.09
N GLY C 39 7.22 15.91 -26.89
CA GLY C 39 7.24 17.38 -26.85
C GLY C 39 6.80 17.88 -25.51
N ILE C 40 5.70 17.33 -25.01
CA ILE C 40 5.25 17.66 -23.67
C ILE C 40 6.30 17.29 -22.62
N LEU C 41 6.90 16.11 -22.75
CA LEU C 41 7.93 15.70 -21.81
C LEU C 41 9.10 16.68 -21.83
N LYS C 42 9.52 17.10 -23.02
CA LYS C 42 10.61 18.07 -23.11
C LYS C 42 10.24 19.30 -22.31
N GLU C 43 9.03 19.81 -22.51
CA GLU C 43 8.61 21.01 -21.82
C GLU C 43 8.61 20.81 -20.31
N LEU C 44 8.18 19.65 -19.83
CA LEU C 44 8.15 19.44 -18.40
C LEU C 44 9.57 19.42 -17.84
N LEU C 45 10.55 19.05 -18.67
CA LEU C 45 11.94 19.01 -18.21
C LEU C 45 12.75 20.29 -18.44
N SER C 46 12.14 21.33 -18.99
CA SER C 46 12.90 22.53 -19.39
C SER C 46 13.02 23.54 -18.27
N LYS C 47 13.90 24.51 -18.43
CA LYS C 47 14.21 25.46 -17.37
C LYS C 47 13.02 26.32 -17.01
N LYS C 48 12.14 26.53 -17.98
CA LYS C 48 10.92 27.30 -17.80
C LYS C 48 10.05 26.82 -16.62
N HIS C 49 10.07 25.52 -16.33
CA HIS C 49 9.23 24.96 -15.27
C HIS C 49 10.02 24.44 -14.11
N ALA C 50 11.34 24.67 -14.14
CA ALA C 50 12.27 24.16 -13.13
C ALA C 50 11.87 24.47 -11.69
N ALA C 51 11.30 25.66 -11.48
CA ALA C 51 10.87 26.10 -10.17
C ALA C 51 9.97 25.12 -9.45
N TYR C 52 9.11 24.41 -10.19
CA TYR C 52 8.23 23.41 -9.57
C TYR C 52 8.47 21.99 -10.08
N ALA C 53 9.27 21.85 -11.13
CA ALA C 53 9.53 20.54 -11.71
C ALA C 53 10.64 19.77 -11.00
N TRP C 54 11.60 20.45 -10.36
CA TRP C 54 12.84 19.74 -9.93
C TRP C 54 12.66 18.53 -9.02
N PRO C 55 11.62 18.51 -8.19
CA PRO C 55 11.53 17.32 -7.32
C PRO C 55 11.17 16.04 -8.08
N PHE C 56 10.81 16.16 -9.36
CA PHE C 56 10.30 15.05 -10.17
C PHE C 56 11.28 14.65 -11.25
N TYR C 57 12.50 15.20 -11.19
CA TYR C 57 13.53 14.93 -12.19
C TYR C 57 14.08 13.52 -12.12
N LYS C 58 14.29 13.02 -10.90
CA LYS C 58 14.82 11.66 -10.71
C LYS C 58 13.96 10.91 -9.73
N PRO C 59 14.12 9.56 -9.64
CA PRO C 59 13.25 8.79 -8.72
C PRO C 59 13.42 9.23 -7.28
N VAL C 60 12.33 9.24 -6.52
CA VAL C 60 12.38 9.59 -5.11
C VAL C 60 13.36 8.65 -4.41
N ASP C 61 14.50 9.16 -3.93
CA ASP C 61 15.47 8.34 -3.17
C ASP C 61 15.12 8.38 -1.68
N ALA C 62 14.36 7.39 -1.24
CA ALA C 62 13.85 7.36 0.14
C ALA C 62 14.95 7.30 1.20
N SER C 63 15.95 6.43 1.01
CA SER C 63 17.10 6.38 1.91
C SER C 63 17.77 7.74 2.11
N ALA C 64 17.95 8.49 1.03
CA ALA C 64 18.62 9.79 1.10
C ALA C 64 17.76 10.85 1.82
N LEU C 65 16.45 10.77 1.69
CA LEU C 65 15.54 11.72 2.36
C LEU C 65 15.12 11.21 3.75
N GLY C 66 15.40 9.95 4.04
CA GLY C 66 15.07 9.36 5.33
C GLY C 66 13.59 9.08 5.48
N LEU C 67 12.95 8.70 4.39
CA LEU C 67 11.53 8.42 4.39
C LEU C 67 11.36 6.90 4.44
N HIS C 68 11.35 6.34 5.64
N HIS C 68 11.29 6.38 5.67
CA HIS C 68 11.39 4.89 5.79
CA HIS C 68 11.32 4.93 5.92
C HIS C 68 10.03 4.25 5.64
C HIS C 68 10.12 4.17 5.43
N ASP C 69 9.17 4.88 4.82
CA ASP C 69 7.87 4.31 4.49
C ASP C 69 7.45 4.47 3.01
N TYR C 70 8.19 5.26 2.24
CA TYR C 70 7.76 5.63 0.88
C TYR C 70 7.30 4.42 0.07
N HIS C 71 8.18 3.42 0.00
CA HIS C 71 7.93 2.23 -0.81
C HIS C 71 6.93 1.26 -0.20
N ASP C 72 6.47 1.53 1.02
CA ASP C 72 5.31 0.81 1.59
C ASP C 72 4.02 1.44 1.08
N ILE C 73 4.02 2.78 1.03
CA ILE C 73 2.85 3.55 0.61
C ILE C 73 2.76 3.75 -0.90
N ILE C 74 3.90 3.89 -1.56
CA ILE C 74 3.94 4.04 -3.03
C ILE C 74 4.44 2.73 -3.64
N LYS C 75 3.54 2.04 -4.34
CA LYS C 75 3.83 0.71 -4.88
C LYS C 75 4.35 0.78 -6.33
N HIS C 76 4.09 1.88 -7.03
CA HIS C 76 4.59 2.08 -8.38
C HIS C 76 5.21 3.44 -8.55
N PRO C 77 6.42 3.66 -7.98
CA PRO C 77 7.16 4.92 -8.15
C PRO C 77 7.27 5.35 -9.61
N MET C 78 7.20 6.65 -9.86
CA MET C 78 7.40 7.19 -11.19
C MET C 78 8.02 8.58 -11.08
N ASP C 79 8.71 9.00 -12.13
CA ASP C 79 9.36 10.32 -12.17
C ASP C 79 9.70 10.66 -13.61
N LEU C 80 10.05 11.92 -13.88
CA LEU C 80 10.26 12.37 -15.26
C LEU C 80 11.40 11.66 -16.02
N SER C 81 12.47 11.29 -15.32
CA SER C 81 13.58 10.62 -16.00
C SER C 81 13.22 9.20 -16.37
N THR C 82 12.42 8.54 -15.53
CA THR C 82 11.91 7.22 -15.86
C THR C 82 10.94 7.27 -17.03
N VAL C 83 10.07 8.29 -17.05
CA VAL C 83 9.18 8.51 -18.20
C VAL C 83 10.00 8.72 -19.46
N LYS C 84 11.11 9.43 -19.34
CA LYS C 84 11.99 9.73 -20.49
C LYS C 84 12.73 8.50 -20.99
N ARG C 85 13.30 7.73 -20.07
CA ARG C 85 13.92 6.46 -20.41
C ARG C 85 12.87 5.55 -21.09
N LYS C 86 11.66 5.45 -20.54
CA LYS C 86 10.63 4.70 -21.21
C LYS C 86 10.34 5.21 -22.63
N MET C 87 10.25 6.53 -22.80
CA MET C 87 9.99 7.09 -24.13
C MET C 87 11.16 6.80 -25.08
N GLU C 88 12.37 6.89 -24.56
CA GLU C 88 13.56 6.53 -25.35
C GLU C 88 13.57 5.03 -25.69
N ASN C 89 13.16 4.19 -24.75
CA ASN C 89 13.10 2.76 -24.98
C ASN C 89 11.91 2.36 -25.84
N ARG C 90 11.09 3.32 -26.24
CA ARG C 90 9.88 3.04 -26.99
C ARG C 90 8.97 2.11 -26.20
N ASP C 91 8.95 2.28 -24.88
CA ASP C 91 8.09 1.46 -24.04
C ASP C 91 6.62 1.92 -24.01
N TYR C 92 6.32 3.09 -24.57
CA TYR C 92 4.92 3.52 -24.66
C TYR C 92 4.34 3.15 -26.01
N ARG C 93 3.12 2.58 -25.99
CA ARG C 93 2.38 2.27 -27.21
C ARG C 93 1.61 3.47 -27.72
N ASP C 94 1.01 4.22 -26.79
CA ASP C 94 0.13 5.33 -27.15
C ASP C 94 0.21 6.45 -26.12
N ALA C 95 -0.47 7.55 -26.41
CA ALA C 95 -0.50 8.69 -25.49
C ALA C 95 -1.15 8.36 -24.14
N GLN C 96 -2.18 7.53 -24.12
CA GLN C 96 -2.81 7.19 -22.88
C GLN C 96 -1.83 6.50 -21.93
N GLU C 97 -0.93 5.66 -22.44
CA GLU C 97 0.07 5.03 -21.56
C GLU C 97 1.04 6.07 -20.97
N PHE C 98 1.42 7.02 -21.79
CA PHE C 98 2.29 8.10 -21.35
C PHE C 98 1.61 8.94 -20.25
N ALA C 99 0.34 9.30 -20.48
CA ALA C 99 -0.45 10.08 -19.51
C ALA C 99 -0.61 9.38 -18.17
N ALA C 100 -0.84 8.08 -18.22
CA ALA C 100 -0.98 7.26 -17.01
C ALA C 100 0.29 7.36 -16.17
N ASP C 101 1.45 7.30 -16.80
CA ASP C 101 2.70 7.42 -16.05
C ASP C 101 2.88 8.81 -15.47
N VAL C 102 2.60 9.85 -16.27
CA VAL C 102 2.81 11.20 -15.78
C VAL C 102 1.84 11.46 -14.64
N ARG C 103 0.62 10.99 -14.76
CA ARG C 103 -0.36 11.21 -13.67
C ARG C 103 -0.06 10.36 -12.44
N LEU C 104 0.55 9.19 -12.66
CA LEU C 104 0.98 8.30 -11.59
C LEU C 104 2.01 9.01 -10.71
N MET C 105 2.98 9.64 -11.37
CA MET C 105 3.97 10.45 -10.70
C MET C 105 3.31 11.48 -9.81
N PHE C 106 2.32 12.21 -10.35
CA PHE C 106 1.62 13.24 -9.58
C PHE C 106 0.78 12.63 -8.46
N SER C 107 -0.01 11.59 -8.77
CA SER C 107 -0.79 10.91 -7.73
C SER C 107 0.09 10.32 -6.64
N ASN C 108 1.27 9.83 -6.99
CA ASN C 108 2.18 9.33 -5.97
C ASN C 108 2.52 10.45 -5.00
N CYS C 109 2.78 11.62 -5.55
CA CYS C 109 3.13 12.78 -4.76
C CYS C 109 1.97 13.16 -3.83
N TYR C 110 0.76 13.22 -4.38
CA TYR C 110 -0.42 13.60 -3.59
C TYR C 110 -0.71 12.58 -2.49
N LYS C 111 -0.47 11.30 -2.80
CA LYS C 111 -0.81 10.22 -1.91
C LYS C 111 0.15 10.21 -0.74
N TYR C 112 1.43 10.35 -1.03
CA TYR C 112 2.43 10.25 0.02
C TYR C 112 2.50 11.45 0.95
N ASN C 113 2.43 12.66 0.39
CA ASN C 113 2.70 13.88 1.16
C ASN C 113 1.45 14.58 1.65
N PRO C 114 1.60 15.43 2.68
CA PRO C 114 0.43 16.13 3.17
C PRO C 114 0.01 17.26 2.24
N PRO C 115 -1.26 17.67 2.33
CA PRO C 115 -1.84 18.73 1.49
C PRO C 115 -1.11 20.07 1.58
N ASP C 116 -0.53 20.37 2.75
CA ASP C 116 0.19 21.62 2.97
C ASP C 116 1.70 21.55 2.60
N HIS C 117 2.17 20.40 2.12
CA HIS C 117 3.56 20.28 1.74
C HIS C 117 3.82 21.02 0.46
N ASP C 118 4.96 21.72 0.38
CA ASP C 118 5.34 22.49 -0.82
C ASP C 118 5.34 21.65 -2.08
N VAL C 119 5.90 20.46 -1.98
CA VAL C 119 5.98 19.58 -3.11
C VAL C 119 4.58 19.30 -3.70
N VAL C 120 3.55 19.29 -2.86
CA VAL C 120 2.19 19.13 -3.38
C VAL C 120 1.80 20.36 -4.21
N ALA C 121 2.14 21.55 -3.74
CA ALA C 121 1.85 22.75 -4.52
C ALA C 121 2.67 22.75 -5.84
N MET C 122 3.87 22.20 -5.79
CA MET C 122 4.73 22.11 -6.95
C MET C 122 4.17 21.10 -7.97
N ALA C 123 3.78 19.93 -7.48
CA ALA C 123 3.15 18.92 -8.32
C ALA C 123 1.97 19.51 -9.12
N ARG C 124 1.10 20.20 -8.42
CA ARG C 124 -0.05 20.85 -9.06
C ARG C 124 0.33 21.84 -10.17
N LYS C 125 1.30 22.71 -9.92
CA LYS C 125 1.75 23.65 -10.97
C LYS C 125 2.23 22.88 -12.19
N LEU C 126 3.01 21.82 -11.97
CA LEU C 126 3.53 21.04 -13.08
C LEU C 126 2.38 20.27 -13.72
N GLN C 127 1.44 19.79 -12.90
CA GLN C 127 0.33 19.04 -13.49
C GLN C 127 -0.54 19.97 -14.35
N ASP C 128 -0.71 21.22 -13.93
CA ASP C 128 -1.43 22.19 -14.77
C ASP C 128 -0.84 22.28 -16.14
N VAL C 129 0.50 22.33 -16.20
CA VAL C 129 1.19 22.46 -17.49
C VAL C 129 0.90 21.20 -18.27
N PHE C 130 1.09 20.05 -17.63
CA PHE C 130 0.91 18.78 -18.34
C PHE C 130 -0.51 18.61 -18.92
N GLU C 131 -1.52 18.74 -18.08
CA GLU C 131 -2.92 18.43 -18.47
C GLU C 131 -3.40 19.37 -19.56
N PHE C 132 -2.88 20.58 -19.55
CA PHE C 132 -3.24 21.59 -20.52
C PHE C 132 -2.68 21.23 -21.91
N ARG C 133 -1.36 21.05 -21.96
CA ARG C 133 -0.69 20.60 -23.16
C ARG C 133 -1.26 19.29 -23.72
N TYR C 134 -1.53 18.33 -22.85
CA TYR C 134 -2.03 17.02 -23.26
C TYR C 134 -3.44 17.14 -23.87
N ALA C 135 -4.26 17.98 -23.27
CA ALA C 135 -5.60 18.23 -23.78
C ALA C 135 -5.57 18.89 -25.16
N LYS C 136 -4.50 19.62 -25.46
CA LYS C 136 -4.36 20.40 -26.70
C LYS C 136 -3.67 19.63 -27.83
N MET C 137 -3.36 18.36 -27.60
CA MET C 137 -2.72 17.53 -28.63
C MET C 137 -3.70 17.31 -29.76
N PRO C 138 -3.26 17.50 -31.02
CA PRO C 138 -4.15 17.18 -32.14
C PRO C 138 -4.60 15.73 -32.09
N ASP C 139 -5.69 15.45 -32.79
CA ASP C 139 -6.41 14.19 -32.66
C ASP C 139 -6.26 13.36 -33.93
N GLU D 32 -16.89 -0.62 -3.28
CA GLU D 32 -16.31 -0.06 -2.03
C GLU D 32 -15.30 1.03 -2.37
N GLN D 33 -14.60 0.80 -3.47
CA GLN D 33 -13.72 1.82 -4.04
C GLN D 33 -14.58 2.89 -4.70
N LEU D 34 -15.71 2.46 -5.24
CA LEU D 34 -16.67 3.38 -5.85
C LEU D 34 -17.50 4.15 -4.81
N LYS D 35 -17.49 3.69 -3.56
CA LYS D 35 -18.08 4.45 -2.45
C LYS D 35 -17.22 5.68 -2.23
N HIS D 36 -15.91 5.46 -2.20
CA HIS D 36 -14.97 6.56 -2.04
C HIS D 36 -15.04 7.53 -3.19
N CYS D 37 -15.18 7.01 -4.40
CA CYS D 37 -15.37 7.85 -5.58
C CYS D 37 -16.65 8.68 -5.44
N ASN D 38 -17.73 8.05 -4.99
CA ASN D 38 -18.96 8.77 -4.72
C ASN D 38 -18.74 9.85 -3.68
N GLY D 39 -17.94 9.53 -2.66
CA GLY D 39 -17.48 10.53 -1.70
C GLY D 39 -16.91 11.76 -2.37
N ILE D 40 -16.01 11.53 -3.34
CA ILE D 40 -15.31 12.61 -4.02
C ILE D 40 -16.28 13.43 -4.85
N LEU D 41 -17.15 12.75 -5.59
CA LEU D 41 -18.20 13.41 -6.35
C LEU D 41 -19.05 14.35 -5.49
N LYS D 42 -19.44 13.89 -4.30
CA LYS D 42 -20.26 14.70 -3.40
C LYS D 42 -19.54 15.99 -3.03
N GLU D 43 -18.24 15.87 -2.73
CA GLU D 43 -17.44 17.04 -2.42
C GLU D 43 -17.30 17.94 -3.63
N LEU D 44 -17.04 17.37 -4.80
CA LEU D 44 -16.98 18.20 -5.99
C LEU D 44 -18.25 19.05 -6.15
N LEU D 45 -19.40 18.50 -5.76
CA LEU D 45 -20.70 19.17 -5.92
C LEU D 45 -21.12 20.04 -4.72
N SER D 46 -20.39 19.96 -3.63
CA SER D 46 -20.71 20.73 -2.42
C SER D 46 -20.50 22.23 -2.61
N LYS D 47 -21.19 23.00 -1.77
CA LYS D 47 -21.09 24.47 -1.79
C LYS D 47 -19.67 24.96 -1.55
N LYS D 48 -18.89 24.14 -0.84
CA LYS D 48 -17.49 24.45 -0.51
C LYS D 48 -16.65 24.81 -1.72
N HIS D 49 -16.99 24.26 -2.89
CA HIS D 49 -16.22 24.48 -4.09
C HIS D 49 -17.01 25.19 -5.17
N ALA D 50 -18.23 25.61 -4.85
CA ALA D 50 -19.12 26.24 -5.85
C ALA D 50 -18.48 27.35 -6.66
N ALA D 51 -17.59 28.13 -6.06
CA ALA D 51 -16.97 29.28 -6.72
C ALA D 51 -16.31 28.90 -8.04
N TYR D 52 -15.70 27.72 -8.08
CA TYR D 52 -15.01 27.27 -9.29
C TYR D 52 -15.66 26.05 -9.95
N ALA D 53 -16.52 25.37 -9.22
CA ALA D 53 -17.10 24.12 -9.72
C ALA D 53 -18.36 24.35 -10.54
N TRP D 54 -18.89 25.57 -10.52
CA TRP D 54 -20.23 25.76 -11.08
C TRP D 54 -20.36 25.54 -12.55
N PRO D 55 -19.28 25.76 -13.32
CA PRO D 55 -19.42 25.54 -14.77
C PRO D 55 -19.55 24.07 -15.21
N PHE D 56 -19.29 23.13 -14.30
CA PHE D 56 -19.26 21.71 -14.61
C PHE D 56 -20.46 20.97 -14.01
N TYR D 57 -21.38 21.72 -13.39
CA TYR D 57 -22.57 21.14 -12.76
C TYR D 57 -23.47 20.44 -13.76
N LYS D 58 -23.52 20.97 -14.98
CA LYS D 58 -24.42 20.47 -16.04
C LYS D 58 -23.68 20.46 -17.37
N PRO D 59 -24.17 19.66 -18.34
CA PRO D 59 -23.58 19.66 -19.67
C PRO D 59 -23.43 21.06 -20.24
N VAL D 60 -22.36 21.29 -21.00
CA VAL D 60 -22.27 22.50 -21.78
C VAL D 60 -23.45 22.54 -22.73
N ASP D 61 -24.26 23.59 -22.62
CA ASP D 61 -25.34 23.86 -23.56
C ASP D 61 -24.75 24.79 -24.61
N ALA D 62 -24.16 24.22 -25.65
CA ALA D 62 -23.50 25.00 -26.69
C ALA D 62 -24.42 26.07 -27.29
N SER D 63 -25.69 25.71 -27.47
CA SER D 63 -26.68 26.64 -28.02
C SER D 63 -26.87 27.82 -27.08
N ALA D 64 -27.14 27.51 -25.81
CA ALA D 64 -27.43 28.53 -24.82
C ALA D 64 -26.30 29.54 -24.70
N LEU D 65 -25.06 29.09 -24.88
CA LEU D 65 -23.88 29.98 -24.76
C LEU D 65 -23.46 30.54 -26.12
N GLY D 66 -24.13 30.10 -27.18
CA GLY D 66 -23.84 30.56 -28.53
C GLY D 66 -22.50 30.08 -29.03
N LEU D 67 -22.23 28.78 -28.82
CA LEU D 67 -20.95 28.16 -29.16
C LEU D 67 -21.14 27.01 -30.16
N HIS D 68 -20.98 27.33 -31.43
CA HIS D 68 -21.37 26.43 -32.51
C HIS D 68 -20.34 25.37 -32.80
N ASP D 69 -19.07 25.69 -32.62
CA ASP D 69 -18.01 24.73 -32.88
C ASP D 69 -17.76 23.78 -31.70
N TYR D 70 -18.46 23.97 -30.59
CA TYR D 70 -18.18 23.20 -29.38
C TYR D 70 -18.27 21.69 -29.60
N HIS D 71 -19.34 21.23 -30.22
CA HIS D 71 -19.50 19.80 -30.43
C HIS D 71 -18.61 19.22 -31.52
N ASP D 72 -17.99 20.09 -32.32
CA ASP D 72 -16.97 19.66 -33.30
C ASP D 72 -15.57 19.52 -32.67
N ILE D 73 -15.23 20.44 -31.78
CA ILE D 73 -13.93 20.40 -31.11
C ILE D 73 -13.95 19.38 -29.99
N ILE D 74 -15.08 19.29 -29.28
CA ILE D 74 -15.27 18.34 -28.17
C ILE D 74 -16.15 17.19 -28.65
N LYS D 75 -15.59 15.98 -28.65
CA LYS D 75 -16.23 14.80 -29.22
C LYS D 75 -17.00 14.00 -28.17
N HIS D 76 -16.49 13.99 -26.94
CA HIS D 76 -17.06 13.20 -25.86
C HIS D 76 -17.33 14.07 -24.64
N PRO D 77 -18.37 14.91 -24.71
CA PRO D 77 -18.69 15.81 -23.60
C PRO D 77 -18.84 15.10 -22.26
N MET D 78 -18.50 15.79 -21.17
CA MET D 78 -18.68 15.26 -19.82
C MET D 78 -18.93 16.40 -18.83
N ASP D 79 -19.69 16.11 -17.78
CA ASP D 79 -19.95 17.10 -16.73
C ASP D 79 -20.28 16.33 -15.46
N LEU D 80 -20.51 17.06 -14.37
CA LEU D 80 -20.65 16.41 -13.07
C LEU D 80 -22.00 15.75 -12.86
N SER D 81 -23.06 16.29 -13.47
CA SER D 81 -24.37 15.65 -13.38
C SER D 81 -24.34 14.34 -14.16
N THR D 82 -23.79 14.38 -15.36
CA THR D 82 -23.66 13.15 -16.12
C THR D 82 -22.86 12.12 -15.32
N VAL D 83 -21.80 12.54 -14.64
CA VAL D 83 -21.02 11.63 -13.80
C VAL D 83 -21.87 11.11 -12.63
N LYS D 84 -22.70 11.97 -12.05
CA LYS D 84 -23.60 11.59 -10.95
C LYS D 84 -24.63 10.56 -11.39
N ARG D 85 -25.22 10.84 -12.56
CA ARG D 85 -26.23 9.97 -13.17
C ARG D 85 -25.65 8.57 -13.40
N LYS D 86 -24.47 8.51 -14.01
CA LYS D 86 -23.79 7.25 -14.28
C LYS D 86 -23.35 6.51 -13.01
N MET D 87 -23.16 7.24 -11.91
CA MET D 87 -22.73 6.62 -10.66
C MET D 87 -23.95 5.97 -9.99
N GLU D 88 -25.09 6.66 -10.03
CA GLU D 88 -26.34 6.13 -9.48
C GLU D 88 -26.84 4.89 -10.23
N ASN D 89 -26.78 4.94 -11.56
CA ASN D 89 -27.09 3.78 -12.41
C ASN D 89 -26.02 2.68 -12.34
N ARG D 90 -25.01 2.88 -11.48
CA ARG D 90 -23.94 1.90 -11.27
C ARG D 90 -23.32 1.45 -12.59
N ASP D 91 -22.93 2.43 -13.41
CA ASP D 91 -22.30 2.20 -14.72
C ASP D 91 -20.79 2.06 -14.61
N TYR D 92 -20.19 2.58 -13.55
CA TYR D 92 -18.74 2.50 -13.39
C TYR D 92 -18.33 1.15 -12.82
N ARG D 93 -17.46 0.45 -13.55
CA ARG D 93 -16.93 -0.84 -13.12
C ARG D 93 -15.99 -0.68 -11.91
N ASP D 94 -14.99 0.18 -12.06
CA ASP D 94 -14.04 0.48 -10.98
C ASP D 94 -13.81 1.99 -10.86
N ALA D 95 -12.92 2.38 -9.95
CA ALA D 95 -12.58 3.79 -9.73
C ALA D 95 -11.97 4.43 -10.96
N GLN D 96 -11.17 3.65 -11.70
CA GLN D 96 -10.48 4.14 -12.88
C GLN D 96 -11.39 4.68 -13.96
N GLU D 97 -12.54 4.05 -14.17
CA GLU D 97 -13.49 4.52 -15.19
C GLU D 97 -14.07 5.87 -14.76
N PHE D 98 -14.33 5.98 -13.47
CA PHE D 98 -14.82 7.21 -12.86
C PHE D 98 -13.79 8.33 -13.06
N ALA D 99 -12.53 8.06 -12.71
CA ALA D 99 -11.45 9.04 -12.88
C ALA D 99 -11.37 9.49 -14.31
N ALA D 100 -11.45 8.54 -15.22
CA ALA D 100 -11.38 8.84 -16.65
C ALA D 100 -12.47 9.85 -17.05
N ASP D 101 -13.69 9.66 -16.55
CA ASP D 101 -14.79 10.58 -16.85
C ASP D 101 -14.55 11.99 -16.27
N VAL D 102 -14.13 12.06 -15.01
CA VAL D 102 -13.85 13.33 -14.36
C VAL D 102 -12.68 14.04 -15.06
N ARG D 103 -11.64 13.30 -15.42
CA ARG D 103 -10.51 13.89 -16.12
C ARG D 103 -10.91 14.33 -17.52
N LEU D 104 -11.81 13.55 -18.14
CA LEU D 104 -12.31 13.89 -19.48
C LEU D 104 -12.97 15.29 -19.45
N MET D 105 -13.79 15.49 -18.43
CA MET D 105 -14.48 16.76 -18.19
C MET D 105 -13.47 17.90 -18.15
N PHE D 106 -12.40 17.71 -17.38
CA PHE D 106 -11.39 18.75 -17.24
C PHE D 106 -10.61 18.92 -18.52
N SER D 107 -10.22 17.80 -19.15
CA SER D 107 -9.49 17.86 -20.42
C SER D 107 -10.32 18.55 -21.51
N ASN D 108 -11.63 18.33 -21.55
CA ASN D 108 -12.47 18.98 -22.55
C ASN D 108 -12.39 20.48 -22.38
N CYS D 109 -12.49 20.91 -21.13
CA CYS D 109 -12.41 22.30 -20.78
C CYS D 109 -11.08 22.93 -21.19
N TYR D 110 -9.96 22.24 -20.95
CA TYR D 110 -8.64 22.75 -21.37
C TYR D 110 -8.49 22.75 -22.87
N LYS D 111 -8.99 21.70 -23.52
CA LYS D 111 -8.95 21.60 -24.98
C LYS D 111 -9.69 22.80 -25.61
N TYR D 112 -10.99 22.94 -25.33
CA TYR D 112 -11.81 23.95 -26.01
C TYR D 112 -11.40 25.39 -25.66
N ASN D 113 -10.96 25.66 -24.45
CA ASN D 113 -10.81 27.05 -24.02
C ASN D 113 -9.38 27.56 -24.05
N PRO D 114 -9.22 28.89 -24.27
CA PRO D 114 -7.89 29.56 -24.20
C PRO D 114 -7.27 29.48 -22.81
N PRO D 115 -5.93 29.48 -22.74
CA PRO D 115 -5.24 29.34 -21.44
C PRO D 115 -5.61 30.41 -20.38
N ASP D 116 -5.93 31.62 -20.84
CA ASP D 116 -6.19 32.75 -19.94
C ASP D 116 -7.66 32.86 -19.51
N HIS D 117 -8.54 32.03 -20.08
CA HIS D 117 -9.97 32.01 -19.72
C HIS D 117 -10.15 31.65 -18.26
N ASP D 118 -11.13 32.29 -17.63
CA ASP D 118 -11.44 32.06 -16.21
C ASP D 118 -11.74 30.59 -15.95
N VAL D 119 -12.52 29.99 -16.86
CA VAL D 119 -13.00 28.63 -16.70
C VAL D 119 -11.86 27.61 -16.62
N VAL D 120 -10.77 27.89 -17.31
CA VAL D 120 -9.59 27.04 -17.24
C VAL D 120 -8.99 27.11 -15.83
N ALA D 121 -8.97 28.32 -15.26
CA ALA D 121 -8.43 28.54 -13.93
C ALA D 121 -9.34 27.87 -12.89
N MET D 122 -10.63 27.87 -13.18
CA MET D 122 -11.60 27.18 -12.34
C MET D 122 -11.47 25.66 -12.46
N ALA D 123 -11.30 25.16 -13.68
CA ALA D 123 -11.06 23.73 -13.92
C ALA D 123 -9.92 23.23 -13.07
N ARG D 124 -8.81 23.97 -13.12
CA ARG D 124 -7.62 23.65 -12.34
C ARG D 124 -7.86 23.61 -10.83
N LYS D 125 -8.60 24.57 -10.31
CA LYS D 125 -8.92 24.58 -8.88
C LYS D 125 -9.69 23.32 -8.52
N LEU D 126 -10.69 22.98 -9.34
CA LEU D 126 -11.55 21.83 -9.04
C LEU D 126 -10.77 20.56 -9.22
N GLN D 127 -9.92 20.50 -10.25
CA GLN D 127 -9.09 19.34 -10.49
C GLN D 127 -8.08 19.08 -9.35
N ASP D 128 -7.57 20.15 -8.72
CA ASP D 128 -6.70 19.99 -7.53
C ASP D 128 -7.43 19.25 -6.42
N VAL D 129 -8.67 19.65 -6.16
CA VAL D 129 -9.53 18.90 -5.23
C VAL D 129 -9.66 17.45 -5.68
N PHE D 130 -10.04 17.23 -6.94
CA PHE D 130 -10.29 15.87 -7.40
C PHE D 130 -9.04 14.99 -7.30
N GLU D 131 -7.94 15.45 -7.88
CA GLU D 131 -6.71 14.63 -7.94
C GLU D 131 -6.14 14.32 -6.57
N PHE D 132 -6.21 15.27 -5.66
CA PHE D 132 -5.73 15.04 -4.31
C PHE D 132 -6.59 14.00 -3.58
N ARG D 133 -7.90 14.11 -3.70
CA ARG D 133 -8.77 13.15 -3.01
C ARG D 133 -8.65 11.78 -3.67
N TYR D 134 -8.60 11.75 -5.00
CA TYR D 134 -8.46 10.49 -5.72
C TYR D 134 -7.21 9.77 -5.25
N ALA D 135 -6.11 10.51 -5.11
CA ALA D 135 -4.82 9.91 -4.71
C ALA D 135 -4.87 9.34 -3.29
N LYS D 136 -5.63 10.00 -2.41
CA LYS D 136 -5.75 9.60 -1.00
C LYS D 136 -6.70 8.42 -0.79
N MET D 137 -7.24 7.84 -1.86
CA MET D 137 -8.05 6.63 -1.76
C MET D 137 -7.23 5.46 -1.23
N PRO D 138 -7.79 4.70 -0.27
CA PRO D 138 -7.21 3.40 0.08
C PRO D 138 -7.67 2.35 -0.91
N ASP D 139 -6.76 1.49 -1.36
CA ASP D 139 -7.09 0.45 -2.33
C ASP D 139 -7.03 -0.95 -1.72
N SER E 31 -15.20 -15.41 11.34
CA SER E 31 -13.83 -15.10 11.82
C SER E 31 -13.79 -15.07 13.33
N GLU E 32 -12.88 -15.85 13.93
CA GLU E 32 -12.77 -15.96 15.39
C GLU E 32 -12.68 -14.59 16.08
N GLN E 33 -11.89 -13.68 15.51
CA GLN E 33 -11.70 -12.35 16.07
C GLN E 33 -12.94 -11.45 15.93
N LEU E 34 -13.63 -11.54 14.82
CA LEU E 34 -14.88 -10.80 14.63
C LEU E 34 -15.99 -11.29 15.58
N LYS E 35 -15.94 -12.58 15.94
CA LYS E 35 -16.92 -13.16 16.88
C LYS E 35 -16.75 -12.53 18.26
N HIS E 36 -15.50 -12.27 18.65
CA HIS E 36 -15.24 -11.46 19.84
C HIS E 36 -15.87 -10.09 19.68
N CYS E 37 -15.67 -9.47 18.52
CA CYS E 37 -16.22 -8.13 18.22
C CYS E 37 -17.74 -8.10 18.23
N ASN E 38 -18.36 -9.20 17.85
CA ASN E 38 -19.82 -9.31 17.95
C ASN E 38 -20.27 -9.32 19.40
N GLY E 39 -19.51 -9.99 20.27
CA GLY E 39 -19.81 -10.03 21.69
C GLY E 39 -19.81 -8.65 22.31
N ILE E 40 -18.83 -7.83 21.89
CA ILE E 40 -18.72 -6.45 22.32
C ILE E 40 -19.89 -5.60 21.83
N LEU E 41 -20.25 -5.77 20.56
CA LEU E 41 -21.42 -5.11 19.99
C LEU E 41 -22.65 -5.38 20.85
N LYS E 42 -22.84 -6.64 21.25
CA LYS E 42 -23.99 -7.04 22.07
C LYS E 42 -23.94 -6.39 23.45
N GLU E 43 -22.76 -6.39 24.06
CA GLU E 43 -22.57 -5.70 25.33
C GLU E 43 -23.00 -4.24 25.17
N LEU E 44 -22.41 -3.55 24.21
CA LEU E 44 -22.76 -2.15 23.91
C LEU E 44 -24.27 -1.95 23.82
N LEU E 45 -24.96 -2.86 23.15
CA LEU E 45 -26.38 -2.69 22.88
C LEU E 45 -27.28 -3.18 24.02
N SER E 46 -26.69 -3.80 25.05
CA SER E 46 -27.48 -4.47 26.10
C SER E 46 -28.04 -3.47 27.10
N LYS E 47 -28.99 -3.93 27.90
CA LYS E 47 -29.66 -3.06 28.85
C LYS E 47 -28.68 -2.48 29.87
N LYS E 48 -27.73 -3.28 30.30
CA LYS E 48 -26.77 -2.87 31.33
C LYS E 48 -26.27 -1.43 31.15
N HIS E 49 -25.95 -1.06 29.90
CA HIS E 49 -25.44 0.28 29.55
C HIS E 49 -26.48 1.19 28.94
N ALA E 50 -27.76 0.84 29.01
CA ALA E 50 -28.78 1.61 28.31
C ALA E 50 -28.85 3.06 28.73
N ALA E 51 -28.46 3.38 29.98
CA ALA E 51 -28.59 4.75 30.50
C ALA E 51 -27.70 5.78 29.80
N TYR E 52 -26.66 5.31 29.10
CA TYR E 52 -25.79 6.17 28.29
C TYR E 52 -25.68 5.73 26.81
N ALA E 53 -26.06 4.51 26.47
CA ALA E 53 -25.84 4.05 25.11
C ALA E 53 -26.96 4.47 24.16
N TRP E 54 -28.11 4.85 24.71
CA TRP E 54 -29.34 5.02 23.91
C TRP E 54 -29.33 6.05 22.80
N PRO E 55 -28.53 7.13 22.92
CA PRO E 55 -28.44 8.05 21.78
C PRO E 55 -27.81 7.47 20.52
N PHE E 56 -27.11 6.35 20.65
CA PHE E 56 -26.37 5.75 19.54
C PHE E 56 -27.06 4.53 18.98
N TYR E 57 -28.29 4.25 19.41
CA TYR E 57 -28.96 3.08 18.94
C TYR E 57 -29.30 3.24 17.45
N LYS E 58 -29.81 4.40 17.08
CA LYS E 58 -30.20 4.64 15.69
C LYS E 58 -29.36 5.78 15.10
N PRO E 59 -29.42 5.98 13.76
CA PRO E 59 -28.71 7.12 13.18
C PRO E 59 -29.29 8.42 13.69
N VAL E 60 -28.50 9.50 13.60
CA VAL E 60 -28.94 10.80 14.05
C VAL E 60 -30.02 11.27 13.09
N ASP E 61 -31.21 11.56 13.62
CA ASP E 61 -32.30 12.11 12.80
C ASP E 61 -32.28 13.64 12.93
N ALA E 62 -31.41 14.27 12.15
CA ALA E 62 -31.25 15.73 12.16
C ALA E 62 -32.57 16.50 12.02
N SER E 63 -33.51 15.96 11.24
CA SER E 63 -34.81 16.59 11.05
C SER E 63 -35.66 16.54 12.33
N ALA E 64 -35.71 15.38 12.98
CA ALA E 64 -36.49 15.21 14.20
C ALA E 64 -35.89 15.98 15.40
N LEU E 65 -34.56 16.05 15.46
CA LEU E 65 -33.89 16.82 16.51
C LEU E 65 -33.73 18.31 16.15
N GLY E 66 -34.07 18.68 14.92
CA GLY E 66 -33.99 20.08 14.50
C GLY E 66 -32.56 20.58 14.47
N LEU E 67 -31.68 19.80 13.85
CA LEU E 67 -30.27 20.16 13.76
C LEU E 67 -29.89 20.23 12.28
N HIS E 68 -29.81 21.46 11.77
CA HIS E 68 -29.66 21.68 10.34
C HIS E 68 -28.23 21.60 9.87
N ASP E 69 -27.29 21.72 10.79
CA ASP E 69 -25.86 21.68 10.44
C ASP E 69 -25.20 20.33 10.70
N TYR E 70 -25.99 19.30 10.99
CA TYR E 70 -25.42 18.01 11.39
C TYR E 70 -24.70 17.30 10.23
N HIS E 71 -25.37 17.22 9.09
CA HIS E 71 -24.79 16.54 7.93
C HIS E 71 -23.73 17.38 7.23
N ASP E 72 -23.65 18.65 7.60
CA ASP E 72 -22.59 19.54 7.13
C ASP E 72 -21.29 19.31 7.89
N ILE E 73 -21.39 19.27 9.22
CA ILE E 73 -20.20 19.08 10.08
C ILE E 73 -19.74 17.61 10.10
N ILE E 74 -20.70 16.68 10.17
CA ILE E 74 -20.39 15.25 10.18
C ILE E 74 -20.49 14.71 8.77
N LYS E 75 -19.35 14.25 8.24
CA LYS E 75 -19.29 13.76 6.87
C LYS E 75 -19.75 12.30 6.77
N HIS E 76 -19.32 11.48 7.71
CA HIS E 76 -19.67 10.04 7.70
C HIS E 76 -20.41 9.67 8.95
N PRO E 77 -21.75 9.81 8.92
CA PRO E 77 -22.60 9.37 10.05
C PRO E 77 -22.39 7.90 10.40
N MET E 78 -22.61 7.57 11.66
CA MET E 78 -22.50 6.20 12.12
C MET E 78 -23.24 6.03 13.45
N ASP E 79 -23.81 4.84 13.65
CA ASP E 79 -24.55 4.52 14.86
C ASP E 79 -24.51 3.01 15.05
N LEU E 80 -25.00 2.55 16.19
CA LEU E 80 -24.88 1.15 16.54
C LEU E 80 -25.73 0.22 15.69
N SER E 81 -26.94 0.62 15.32
CA SER E 81 -27.78 -0.25 14.48
C SER E 81 -27.16 -0.47 13.10
N THR E 82 -26.53 0.58 12.57
CA THR E 82 -25.78 0.48 11.31
C THR E 82 -24.58 -0.48 11.44
N VAL E 83 -23.92 -0.47 12.59
CA VAL E 83 -22.81 -1.38 12.85
C VAL E 83 -23.30 -2.81 13.09
N LYS E 84 -24.51 -2.95 13.65
CA LYS E 84 -25.13 -4.26 13.82
C LYS E 84 -25.58 -4.77 12.45
N ARG E 85 -26.10 -3.87 11.63
CA ARG E 85 -26.54 -4.18 10.27
C ARG E 85 -25.34 -4.72 9.48
N LYS E 86 -24.25 -3.95 9.48
CA LYS E 86 -23.02 -4.35 8.79
C LYS E 86 -22.40 -5.63 9.33
N MET E 87 -22.54 -5.86 10.64
CA MET E 87 -22.03 -7.10 11.26
C MET E 87 -22.85 -8.33 10.83
N GLU E 88 -24.17 -8.20 10.84
CA GLU E 88 -25.03 -9.29 10.37
C GLU E 88 -24.86 -9.54 8.87
N ASN E 89 -24.65 -8.46 8.12
CA ASN E 89 -24.46 -8.55 6.66
C ASN E 89 -23.01 -8.84 6.24
N ARG E 90 -22.12 -9.08 7.21
CA ARG E 90 -20.73 -9.44 6.91
C ARG E 90 -20.05 -8.44 5.95
N ASP E 91 -20.17 -7.16 6.29
CA ASP E 91 -19.48 -6.08 5.57
C ASP E 91 -18.11 -5.77 6.15
N TYR E 92 -17.81 -6.35 7.32
CA TYR E 92 -16.55 -6.09 8.01
C TYR E 92 -15.56 -7.19 7.68
N ARG E 93 -14.30 -6.79 7.44
CA ARG E 93 -13.23 -7.75 7.18
C ARG E 93 -12.54 -8.16 8.48
N ASP E 94 -11.98 -7.17 9.17
CA ASP E 94 -11.20 -7.42 10.39
C ASP E 94 -11.63 -6.50 11.53
N ALA E 95 -11.12 -6.80 12.73
CA ALA E 95 -11.45 -6.01 13.92
C ALA E 95 -11.19 -4.53 13.71
N GLN E 96 -10.08 -4.19 13.05
CA GLN E 96 -9.72 -2.79 12.79
C GLN E 96 -10.83 -2.00 12.10
N GLU E 97 -11.49 -2.61 11.11
CA GLU E 97 -12.62 -1.97 10.44
C GLU E 97 -13.77 -1.69 11.44
N PHE E 98 -14.10 -2.70 12.24
CA PHE E 98 -15.14 -2.58 13.27
C PHE E 98 -14.85 -1.41 14.22
N ALA E 99 -13.63 -1.34 14.73
CA ALA E 99 -13.22 -0.25 15.63
C ALA E 99 -13.32 1.11 14.96
N ALA E 100 -12.87 1.21 13.71
CA ALA E 100 -12.97 2.45 12.94
C ALA E 100 -14.40 2.97 12.94
N ASP E 101 -15.36 2.08 12.75
CA ASP E 101 -16.77 2.47 12.74
C ASP E 101 -17.25 2.87 14.14
N VAL E 102 -16.90 2.09 15.15
CA VAL E 102 -17.32 2.35 16.51
C VAL E 102 -16.75 3.68 17.00
N ARG E 103 -15.47 3.92 16.74
CA ARG E 103 -14.82 5.18 17.10
C ARG E 103 -15.33 6.36 16.27
N LEU E 104 -15.67 6.09 15.01
CA LEU E 104 -16.22 7.13 14.16
C LEU E 104 -17.43 7.68 14.89
N MET E 105 -18.36 6.80 15.23
CA MET E 105 -19.58 7.12 15.98
C MET E 105 -19.32 8.05 17.16
N PHE E 106 -18.31 7.71 17.96
CA PHE E 106 -17.98 8.49 19.14
C PHE E 106 -17.39 9.84 18.75
N SER E 107 -16.46 9.81 17.79
CA SER E 107 -15.78 11.02 17.30
C SER E 107 -16.76 12.02 16.73
N ASN E 108 -17.73 11.52 15.96
CA ASN E 108 -18.75 12.38 15.40
C ASN E 108 -19.46 13.11 16.52
N CYS E 109 -19.78 12.37 17.57
CA CYS E 109 -20.49 12.94 18.70
C CYS E 109 -19.66 14.03 19.38
N TYR E 110 -18.43 13.69 19.72
CA TYR E 110 -17.46 14.64 20.29
C TYR E 110 -17.26 15.87 19.40
N LYS E 111 -17.21 15.63 18.09
CA LYS E 111 -17.04 16.68 17.12
C LYS E 111 -18.25 17.62 17.09
N TYR E 112 -19.45 17.07 16.89
CA TYR E 112 -20.62 17.91 16.66
C TYR E 112 -21.14 18.68 17.89
N ASN E 113 -21.09 18.07 19.07
CA ASN E 113 -21.75 18.67 20.25
C ASN E 113 -20.79 19.45 21.17
N PRO E 114 -21.34 20.40 21.96
CA PRO E 114 -20.50 21.16 22.90
C PRO E 114 -19.87 20.25 23.95
N PRO E 115 -18.67 20.60 24.46
CA PRO E 115 -17.94 19.75 25.41
C PRO E 115 -18.69 19.41 26.71
N ASP E 116 -19.75 20.15 27.01
CA ASP E 116 -20.44 20.05 28.30
C ASP E 116 -21.83 19.45 28.12
N HIS E 117 -22.11 18.94 26.93
CA HIS E 117 -23.40 18.34 26.62
C HIS E 117 -23.45 16.94 27.15
N ASP E 118 -24.62 16.54 27.64
CA ASP E 118 -24.82 15.19 28.20
C ASP E 118 -24.41 14.03 27.24
N VAL E 119 -24.70 14.15 25.95
CA VAL E 119 -24.30 13.11 24.97
C VAL E 119 -22.82 12.81 24.96
N VAL E 120 -22.01 13.84 25.16
CA VAL E 120 -20.57 13.68 25.15
C VAL E 120 -20.14 12.82 26.32
N ALA E 121 -20.75 13.08 27.49
CA ALA E 121 -20.48 12.30 28.70
C ALA E 121 -20.93 10.85 28.54
N MET E 122 -22.12 10.67 27.97
CA MET E 122 -22.67 9.35 27.64
C MET E 122 -21.83 8.66 26.55
N ALA E 123 -21.32 9.44 25.61
CA ALA E 123 -20.41 8.92 24.58
C ALA E 123 -19.18 8.34 25.22
N ARG E 124 -18.63 9.06 26.20
CA ARG E 124 -17.41 8.64 26.88
C ARG E 124 -17.62 7.41 27.72
N LYS E 125 -18.73 7.38 28.46
CA LYS E 125 -19.04 6.25 29.31
C LYS E 125 -19.05 4.97 28.46
N LEU E 126 -19.83 5.00 27.38
CA LEU E 126 -19.94 3.85 26.47
C LEU E 126 -18.62 3.53 25.79
N GLN E 127 -17.84 4.54 25.42
CA GLN E 127 -16.54 4.27 24.78
C GLN E 127 -15.60 3.56 25.75
N ASP E 128 -15.70 3.90 27.03
CA ASP E 128 -14.91 3.22 28.05
C ASP E 128 -15.24 1.74 28.07
N VAL E 129 -16.51 1.40 27.88
CA VAL E 129 -16.90 0.01 27.78
C VAL E 129 -16.30 -0.61 26.52
N PHE E 130 -16.29 0.15 25.44
CA PHE E 130 -15.81 -0.38 24.15
C PHE E 130 -14.29 -0.60 24.12
N GLU E 131 -13.54 0.43 24.48
CA GLU E 131 -12.09 0.41 24.40
C GLU E 131 -11.47 -0.63 25.29
N PHE E 132 -12.03 -0.78 26.48
CA PHE E 132 -11.57 -1.77 27.44
C PHE E 132 -11.74 -3.20 26.91
N ARG E 133 -12.93 -3.53 26.43
CA ARG E 133 -13.21 -4.87 25.96
C ARG E 133 -12.48 -5.16 24.65
N TYR E 134 -12.29 -4.13 23.82
CA TYR E 134 -11.54 -4.26 22.58
C TYR E 134 -10.06 -4.62 22.85
N ALA E 135 -9.50 -4.10 23.93
CA ALA E 135 -8.12 -4.40 24.32
C ALA E 135 -7.96 -5.81 24.88
N LYS E 136 -8.91 -6.23 25.72
CA LYS E 136 -8.90 -7.58 26.32
C LYS E 136 -9.22 -8.71 25.30
N MET E 137 -9.37 -8.34 24.04
CA MET E 137 -9.56 -9.29 22.95
C MET E 137 -8.21 -9.99 22.64
N PRO E 138 -8.24 -11.31 22.39
CA PRO E 138 -7.01 -12.04 22.03
C PRO E 138 -6.41 -11.68 20.66
N ASP E 139 -5.38 -12.42 20.26
CA ASP E 139 -4.72 -12.24 18.95
C ASP E 139 -4.47 -13.60 18.30
N LEU F 30 5.33 19.24 12.30
CA LEU F 30 5.71 20.34 11.36
C LEU F 30 4.56 20.66 10.41
N SER F 31 3.88 19.61 9.91
CA SER F 31 2.69 19.81 9.09
C SER F 31 1.53 20.27 9.96
N GLU F 32 0.54 20.91 9.34
CA GLU F 32 -0.57 21.52 10.08
C GLU F 32 -1.31 20.51 10.96
N GLN F 33 -1.64 19.36 10.38
CA GLN F 33 -2.34 18.27 11.06
C GLN F 33 -1.53 17.79 12.27
N LEU F 34 -0.22 17.71 12.11
CA LEU F 34 0.66 17.22 13.15
C LEU F 34 1.03 18.31 14.16
N LYS F 35 0.84 19.58 13.84
CA LYS F 35 0.98 20.65 14.85
C LYS F 35 -0.13 20.47 15.87
N HIS F 36 -1.33 20.18 15.38
CA HIS F 36 -2.48 19.96 16.25
C HIS F 36 -2.30 18.74 17.11
N CYS F 37 -1.71 17.67 16.55
CA CYS F 37 -1.41 16.45 17.31
C CYS F 37 -0.39 16.72 18.40
N ASN F 38 0.59 17.53 18.06
CA ASN F 38 1.62 17.94 18.98
C ASN F 38 1.04 18.72 20.17
N GLY F 39 0.06 19.57 19.89
CA GLY F 39 -0.67 20.29 20.94
C GLY F 39 -1.42 19.35 21.87
N ILE F 40 -2.08 18.35 21.29
CA ILE F 40 -2.72 17.31 22.11
C ILE F 40 -1.71 16.62 23.03
N LEU F 41 -0.59 16.20 22.46
CA LEU F 41 0.47 15.56 23.23
C LEU F 41 0.96 16.47 24.38
N LYS F 42 1.13 17.75 24.07
CA LYS F 42 1.57 18.71 25.08
C LYS F 42 0.54 18.81 26.22
N GLU F 43 -0.74 18.86 25.86
CA GLU F 43 -1.79 18.88 26.86
C GLU F 43 -1.78 17.60 27.70
N LEU F 44 -1.73 16.43 27.06
CA LEU F 44 -1.63 15.14 27.79
C LEU F 44 -0.46 15.13 28.79
N LEU F 45 0.59 15.89 28.50
CA LEU F 45 1.79 15.96 29.33
C LEU F 45 1.82 17.13 30.33
N SER F 46 0.78 17.96 30.34
CA SER F 46 0.71 19.12 31.25
C SER F 46 0.23 18.77 32.65
N LYS F 47 0.45 19.68 33.59
CA LYS F 47 0.12 19.45 34.99
C LYS F 47 -1.41 19.31 35.18
N LYS F 48 -2.16 19.91 34.27
CA LYS F 48 -3.61 19.83 34.27
C LYS F 48 -4.14 18.39 34.38
N HIS F 49 -3.43 17.44 33.76
CA HIS F 49 -3.86 16.04 33.69
C HIS F 49 -2.96 15.11 34.45
N ALA F 50 -2.03 15.66 35.25
CA ALA F 50 -1.00 14.84 35.90
C ALA F 50 -1.58 13.80 36.85
N ALA F 51 -2.78 14.06 37.40
CA ALA F 51 -3.41 13.14 38.35
C ALA F 51 -3.59 11.73 37.80
N TYR F 52 -3.83 11.62 36.49
CA TYR F 52 -4.02 10.31 35.86
C TYR F 52 -3.01 9.98 34.74
N ALA F 53 -2.20 10.96 34.34
CA ALA F 53 -1.31 10.81 33.18
C ALA F 53 0.07 10.27 33.56
N TRP F 54 0.44 10.38 34.84
CA TRP F 54 1.83 10.15 35.25
C TRP F 54 2.38 8.75 34.98
N PRO F 55 1.56 7.70 35.12
CA PRO F 55 2.15 6.39 34.85
C PRO F 55 2.58 6.19 33.40
N PHE F 56 2.08 7.03 32.50
CA PHE F 56 2.35 6.91 31.07
C PHE F 56 3.45 7.86 30.57
N TYR F 57 4.07 8.61 31.48
CA TYR F 57 5.13 9.57 31.11
C TYR F 57 6.40 8.93 30.54
N LYS F 58 6.70 7.71 30.98
CA LYS F 58 7.93 7.02 30.62
C LYS F 58 7.63 5.55 30.32
N PRO F 59 8.59 4.84 29.68
CA PRO F 59 8.33 3.42 29.41
C PRO F 59 8.15 2.62 30.69
N VAL F 60 7.22 1.66 30.67
CA VAL F 60 7.03 0.75 31.81
C VAL F 60 8.36 0.06 32.10
N ASP F 61 8.82 0.15 33.35
CA ASP F 61 10.04 -0.53 33.75
C ASP F 61 9.64 -1.77 34.56
N ALA F 62 9.54 -2.90 33.87
CA ALA F 62 9.09 -4.17 34.49
C ALA F 62 10.05 -4.63 35.59
N SER F 63 11.35 -4.50 35.33
CA SER F 63 12.38 -4.93 36.27
C SER F 63 12.41 -4.10 37.55
N ALA F 64 12.04 -2.82 37.45
CA ALA F 64 11.93 -1.96 38.63
C ALA F 64 10.59 -2.18 39.34
N LEU F 65 9.54 -2.42 38.55
CA LEU F 65 8.21 -2.69 39.12
C LEU F 65 8.00 -4.16 39.47
N GLY F 66 8.96 -5.01 39.13
CA GLY F 66 8.90 -6.43 39.48
C GLY F 66 7.74 -7.14 38.80
N LEU F 67 7.48 -6.77 37.56
CA LEU F 67 6.38 -7.35 36.79
C LEU F 67 6.95 -8.37 35.81
N HIS F 68 6.86 -9.64 36.20
CA HIS F 68 7.51 -10.72 35.46
C HIS F 68 6.88 -10.98 34.11
N ASP F 69 5.55 -10.99 34.07
CA ASP F 69 4.80 -11.36 32.86
C ASP F 69 4.58 -10.24 31.84
N TYR F 70 5.12 -9.03 32.08
CA TYR F 70 4.78 -7.89 31.23
C TYR F 70 5.19 -8.06 29.77
N HIS F 71 6.50 -8.11 29.51
CA HIS F 71 7.01 -8.14 28.12
C HIS F 71 6.50 -9.30 27.30
N ASP F 72 5.92 -10.30 27.95
CA ASP F 72 5.41 -11.48 27.26
C ASP F 72 3.94 -11.30 26.85
N ILE F 73 3.17 -10.55 27.62
CA ILE F 73 1.77 -10.24 27.30
C ILE F 73 1.65 -8.98 26.43
N ILE F 74 2.63 -8.07 26.51
CA ILE F 74 2.60 -6.81 25.78
C ILE F 74 3.69 -6.77 24.71
N LYS F 75 3.26 -6.97 23.47
CA LYS F 75 4.17 -7.14 22.34
C LYS F 75 4.85 -5.83 21.95
N HIS F 76 4.11 -4.73 21.99
CA HIS F 76 4.61 -3.42 21.53
C HIS F 76 4.50 -2.35 22.60
N PRO F 77 5.58 -2.15 23.39
CA PRO F 77 5.56 -1.11 24.43
C PRO F 77 5.39 0.29 23.87
N MET F 78 4.64 1.12 24.59
CA MET F 78 4.46 2.51 24.19
C MET F 78 4.16 3.39 25.39
N ASP F 79 4.59 4.65 25.30
CA ASP F 79 4.42 5.63 26.37
C ASP F 79 4.56 7.03 25.79
N LEU F 80 4.23 8.04 26.58
CA LEU F 80 4.15 9.42 26.08
C LEU F 80 5.51 10.03 25.74
N SER F 81 6.56 9.71 26.49
CA SER F 81 7.89 10.20 26.14
C SER F 81 8.34 9.59 24.81
N THR F 82 7.96 8.33 24.56
CA THR F 82 8.29 7.70 23.27
C THR F 82 7.56 8.42 22.15
N VAL F 83 6.27 8.66 22.32
CA VAL F 83 5.47 9.35 21.30
C VAL F 83 6.01 10.75 21.01
N LYS F 84 6.44 11.46 22.05
CA LYS F 84 7.00 12.79 21.90
C LYS F 84 8.32 12.71 21.16
N ARG F 85 9.12 11.69 21.48
CA ARG F 85 10.42 11.50 20.84
C ARG F 85 10.24 11.26 19.36
N LYS F 86 9.28 10.40 19.02
CA LYS F 86 8.94 10.13 17.63
C LYS F 86 8.43 11.37 16.92
N MET F 87 7.65 12.19 17.61
CA MET F 87 7.13 13.43 17.01
C MET F 87 8.27 14.42 16.77
N GLU F 88 9.24 14.44 17.67
CA GLU F 88 10.38 15.34 17.54
C GLU F 88 11.29 14.95 16.35
N ASN F 89 11.42 13.66 16.11
CA ASN F 89 12.20 13.14 14.99
C ASN F 89 11.38 12.98 13.71
N ARG F 90 10.14 13.46 13.72
CA ARG F 90 9.25 13.41 12.54
C ARG F 90 9.02 11.97 12.06
N ASP F 91 8.92 11.05 13.01
CA ASP F 91 8.63 9.65 12.67
C ASP F 91 7.17 9.45 12.29
N TYR F 92 6.30 10.41 12.59
CA TYR F 92 4.88 10.28 12.24
C TYR F 92 4.58 10.92 10.89
N ARG F 93 3.83 10.22 10.05
CA ARG F 93 3.42 10.74 8.74
C ARG F 93 2.13 11.55 8.82
N ASP F 94 1.21 11.08 9.64
CA ASP F 94 -0.08 11.76 9.83
C ASP F 94 -0.68 11.52 11.22
N ALA F 95 -1.85 12.12 11.44
CA ALA F 95 -2.59 11.98 12.69
C ALA F 95 -2.88 10.52 13.07
N GLN F 96 -3.19 9.71 12.07
CA GLN F 96 -3.53 8.29 12.28
C GLN F 96 -2.40 7.49 12.90
N GLU F 97 -1.19 7.75 12.45
CA GLU F 97 0.00 7.05 12.96
C GLU F 97 0.23 7.43 14.42
N PHE F 98 0.06 8.73 14.69
CA PHE F 98 0.06 9.28 16.05
C PHE F 98 -1.01 8.63 16.91
N ALA F 99 -2.24 8.65 16.41
CA ALA F 99 -3.39 8.09 17.11
C ALA F 99 -3.17 6.64 17.48
N ALA F 100 -2.54 5.88 16.57
CA ALA F 100 -2.32 4.45 16.77
C ALA F 100 -1.36 4.16 17.91
N ASP F 101 -0.28 4.93 17.99
CA ASP F 101 0.68 4.80 19.08
C ASP F 101 0.04 5.18 20.42
N VAL F 102 -0.62 6.34 20.46
CA VAL F 102 -1.30 6.79 21.68
C VAL F 102 -2.33 5.75 22.10
N ARG F 103 -3.08 5.22 21.14
CA ARG F 103 -4.09 4.22 21.46
C ARG F 103 -3.46 2.89 21.86
N LEU F 104 -2.33 2.53 21.25
CA LEU F 104 -1.59 1.33 21.65
C LEU F 104 -1.17 1.45 23.11
N MET F 105 -0.78 2.66 23.52
CA MET F 105 -0.38 2.90 24.89
C MET F 105 -1.50 2.51 25.84
N PHE F 106 -2.73 2.92 25.51
CA PHE F 106 -3.86 2.68 26.40
C PHE F 106 -4.28 1.21 26.40
N SER F 107 -4.34 0.60 25.22
CA SER F 107 -4.67 -0.82 25.12
C SER F 107 -3.71 -1.68 25.93
N ASN F 108 -2.42 -1.47 25.74
CA ASN F 108 -1.43 -2.20 26.51
C ASN F 108 -1.71 -2.11 27.99
N CYS F 109 -2.17 -0.93 28.45
CA CYS F 109 -2.60 -0.73 29.84
C CYS F 109 -3.87 -1.50 30.18
N TYR F 110 -4.87 -1.44 29.29
CA TYR F 110 -6.11 -2.18 29.47
C TYR F 110 -5.88 -3.68 29.39
N LYS F 111 -5.05 -4.11 28.43
CA LYS F 111 -4.74 -5.52 28.24
C LYS F 111 -4.07 -6.14 29.47
N TYR F 112 -2.96 -5.56 29.92
CA TYR F 112 -2.11 -6.15 30.96
C TYR F 112 -2.66 -6.09 32.40
N ASN F 113 -3.69 -5.30 32.66
CA ASN F 113 -4.15 -5.07 34.02
C ASN F 113 -5.62 -5.42 34.25
N PRO F 114 -5.98 -5.76 35.51
CA PRO F 114 -7.37 -6.01 35.89
C PRO F 114 -8.25 -4.78 35.70
N PRO F 115 -9.58 -4.97 35.57
CA PRO F 115 -10.46 -3.83 35.33
C PRO F 115 -10.46 -2.82 36.46
N ASP F 116 -10.22 -3.30 37.68
CA ASP F 116 -10.33 -2.51 38.89
C ASP F 116 -8.99 -1.94 39.38
N HIS F 117 -7.97 -1.95 38.52
CA HIS F 117 -6.68 -1.36 38.86
C HIS F 117 -6.79 0.13 38.75
N ASP F 118 -6.07 0.86 39.61
CA ASP F 118 -6.02 2.31 39.52
C ASP F 118 -5.48 2.79 38.16
N VAL F 119 -4.50 2.08 37.60
CA VAL F 119 -3.93 2.45 36.30
C VAL F 119 -4.96 2.41 35.18
N VAL F 120 -5.82 1.39 35.21
CA VAL F 120 -6.86 1.28 34.21
C VAL F 120 -7.80 2.48 34.28
N ALA F 121 -8.27 2.83 35.48
CA ALA F 121 -9.15 3.99 35.62
C ALA F 121 -8.46 5.28 35.17
N MET F 122 -7.15 5.35 35.41
CA MET F 122 -6.34 6.51 35.00
C MET F 122 -6.13 6.57 33.49
N ALA F 123 -5.95 5.43 32.84
CA ALA F 123 -5.86 5.36 31.39
C ALA F 123 -7.11 5.92 30.72
N ARG F 124 -8.27 5.51 31.24
CA ARG F 124 -9.56 5.92 30.69
C ARG F 124 -9.74 7.43 30.79
N LYS F 125 -9.47 8.00 31.95
CA LYS F 125 -9.50 9.46 32.10
C LYS F 125 -8.65 10.13 31.01
N LEU F 126 -7.39 9.71 30.88
CA LEU F 126 -6.46 10.34 29.95
C LEU F 126 -6.91 10.14 28.52
N GLN F 127 -7.47 8.97 28.24
CA GLN F 127 -7.97 8.69 26.90
C GLN F 127 -9.18 9.55 26.59
N ASP F 128 -9.98 9.82 27.60
CA ASP F 128 -11.15 10.67 27.40
C ASP F 128 -10.71 12.04 26.96
N VAL F 129 -9.62 12.53 27.55
CA VAL F 129 -9.03 13.79 27.13
C VAL F 129 -8.50 13.64 25.70
N PHE F 130 -7.85 12.52 25.41
CA PHE F 130 -7.24 12.28 24.10
C PHE F 130 -8.27 12.19 22.98
N GLU F 131 -9.23 11.28 23.13
CA GLU F 131 -10.24 11.02 22.09
C GLU F 131 -11.08 12.26 21.81
N PHE F 132 -11.39 13.00 22.86
CA PHE F 132 -12.15 14.23 22.70
C PHE F 132 -11.38 15.24 21.87
N ARG F 133 -10.15 15.56 22.26
CA ARG F 133 -9.35 16.52 21.53
C ARG F 133 -9.05 16.09 20.09
N TYR F 134 -8.89 14.78 19.89
CA TYR F 134 -8.56 14.21 18.58
C TYR F 134 -9.72 14.35 17.60
N ALA F 135 -10.93 14.15 18.11
CA ALA F 135 -12.16 14.34 17.35
C ALA F 135 -12.36 15.80 16.93
N LYS F 136 -11.96 16.74 17.79
CA LYS F 136 -12.15 18.18 17.55
C LYS F 136 -11.06 18.80 16.66
N MET F 137 -10.16 17.98 16.12
CA MET F 137 -9.17 18.47 15.14
C MET F 137 -9.86 18.82 13.81
N PRO F 138 -9.51 19.99 13.23
CA PRO F 138 -10.03 20.30 11.89
C PRO F 138 -9.47 19.37 10.83
N ASP F 139 -10.26 19.12 9.78
CA ASP F 139 -9.85 18.26 8.68
C ASP F 139 -9.38 19.10 7.49
#